data_1FXJ
#
_entry.id   1FXJ
#
_cell.length_a   142.680
_cell.length_b   142.680
_cell.length_c   248.130
_cell.angle_alpha   90.00
_cell.angle_beta   90.00
_cell.angle_gamma   120.00
#
_symmetry.space_group_name_H-M   'H 3 2'
#
loop_
_entity.id
_entity.type
_entity.pdbx_description
1 polymer 'UDP-N-ACETYLGLUCOSAMINE PYROPHOSPHORYLASE'
2 non-polymer 'SULFATE ION'
3 non-polymer '2-(N-MORPHOLINO)-ETHANESULFONIC ACID'
4 water water
#
_entity_poly.entity_id   1
_entity_poly.type   'polypeptide(L)'
_entity_poly.pdbx_seq_one_letter_code
;MLNNAMSVVILAAGKGTRMYSDLPKVLHTLAGKAMVQHVIDAANELGAAHVHLVYGHGGDLLKQALKDDNLNWVLQAEQL
GTGHAMQQAAPFFADDEDILMLYGDVPLISVETLQRLRDAKPQGGIGLLTVKLDDPTGYGRITRENGKVTGIVEHKDATD
EQRQIQEINTGILIANGADMKRWLAKLTNNNAQGEYYITDIIALAYQEGREIVAVHPQRLSEVEGVNNRLQLSRLERVYQ
SEQAEKLLLAGVMLRDPARFDLRGTLTHGRDVEIDTNVIIEGNVTLGHRVKIGTGCVIKNSVIGDDCEISPYTVVEDANL
AAACTIGPFAR
;
_entity_poly.pdbx_strand_id   A,B
#
loop_
_chem_comp.id
_chem_comp.type
_chem_comp.name
_chem_comp.formula
MES non-polymer '2-(N-MORPHOLINO)-ETHANESULFONIC ACID' 'C6 H13 N O4 S'
SO4 non-polymer 'SULFATE ION' 'O4 S -2'
#
# COMPACT_ATOMS: atom_id res chain seq x y z
N ASN A 3 1.36 21.17 -39.36
CA ASN A 3 1.07 20.03 -40.29
C ASN A 3 -0.44 19.84 -40.59
N ASN A 4 -0.73 19.32 -41.78
CA ASN A 4 -2.11 19.07 -42.20
C ASN A 4 -2.90 18.02 -41.45
N ALA A 5 -4.21 18.17 -41.44
CA ALA A 5 -5.09 17.23 -40.79
C ALA A 5 -4.80 15.86 -41.41
N MET A 6 -5.02 14.79 -40.64
CA MET A 6 -4.80 13.45 -41.19
C MET A 6 -5.54 12.40 -40.44
N SER A 7 -5.96 11.39 -41.17
CA SER A 7 -6.64 10.26 -40.58
C SER A 7 -5.76 9.05 -40.78
N VAL A 8 -6.10 7.97 -40.08
CA VAL A 8 -5.33 6.76 -40.13
C VAL A 8 -6.21 5.58 -40.39
N VAL A 9 -5.68 4.64 -41.19
CA VAL A 9 -6.38 3.40 -41.48
C VAL A 9 -5.52 2.29 -40.85
N ILE A 10 -6.14 1.46 -40.01
CA ILE A 10 -5.42 0.41 -39.39
C ILE A 10 -5.94 -0.87 -39.95
N LEU A 11 -5.09 -1.57 -40.69
CA LEU A 11 -5.48 -2.85 -41.31
C LEU A 11 -5.29 -4.06 -40.37
N ALA A 12 -6.40 -4.67 -39.99
CA ALA A 12 -6.44 -5.79 -39.07
C ALA A 12 -7.38 -6.84 -39.63
N ALA A 13 -7.37 -7.00 -40.96
CA ALA A 13 -8.29 -7.92 -41.67
C ALA A 13 -7.92 -9.42 -41.82
N GLY A 14 -6.65 -9.74 -41.59
CA GLY A 14 -6.21 -11.13 -41.67
C GLY A 14 -6.90 -12.07 -40.70
N LYS A 15 -6.85 -13.35 -41.02
CA LYS A 15 -7.48 -14.37 -40.20
C LYS A 15 -6.66 -14.78 -38.95
N GLY A 16 -5.34 -14.64 -39.04
CA GLY A 16 -4.48 -14.99 -37.91
C GLY A 16 -4.49 -16.47 -37.61
N THR A 17 -4.57 -17.26 -38.69
CA THR A 17 -4.62 -18.71 -38.53
C THR A 17 -3.43 -19.30 -37.77
N ARG A 18 -2.22 -18.83 -38.05
CA ARG A 18 -1.03 -19.41 -37.41
C ARG A 18 -0.83 -19.05 -35.92
N MET A 19 -1.80 -18.33 -35.37
CA MET A 19 -1.79 -17.95 -33.96
C MET A 19 -2.48 -19.08 -33.17
N TYR A 20 -3.20 -19.93 -33.89
CA TYR A 20 -3.93 -21.07 -33.32
C TYR A 20 -4.63 -20.63 -32.04
N SER A 21 -5.43 -19.57 -32.15
CA SER A 21 -6.09 -19.00 -31.00
C SER A 21 -7.53 -18.58 -31.26
N ASP A 22 -8.30 -18.47 -30.19
CA ASP A 22 -9.70 -18.04 -30.28
C ASP A 22 -9.76 -16.54 -30.10
N LEU A 23 -8.64 -15.95 -29.75
CA LEU A 23 -8.57 -14.50 -29.60
C LEU A 23 -8.01 -13.88 -30.88
N PRO A 24 -8.72 -12.91 -31.47
CA PRO A 24 -8.27 -12.24 -32.70
C PRO A 24 -6.79 -11.87 -32.60
N LYS A 25 -6.03 -12.26 -33.59
CA LYS A 25 -4.62 -11.98 -33.57
C LYS A 25 -4.19 -10.61 -33.10
N VAL A 26 -4.82 -9.54 -33.58
CA VAL A 26 -4.34 -8.21 -33.22
C VAL A 26 -4.65 -7.79 -31.78
N LEU A 27 -5.43 -8.62 -31.09
CA LEU A 27 -5.71 -8.34 -29.69
C LEU A 27 -4.61 -9.01 -28.83
N HIS A 28 -3.81 -9.94 -29.41
CA HIS A 28 -2.76 -10.56 -28.59
C HIS A 28 -1.84 -9.45 -28.11
N THR A 29 -1.45 -9.55 -26.86
CA THR A 29 -0.66 -8.52 -26.22
C THR A 29 0.85 -8.52 -26.41
N LEU A 30 1.40 -7.30 -26.39
CA LEU A 30 2.83 -7.14 -26.47
C LEU A 30 3.08 -6.23 -25.25
N ALA A 31 3.86 -6.70 -24.30
CA ALA A 31 4.07 -5.93 -23.06
C ALA A 31 2.76 -5.54 -22.35
N GLY A 32 1.78 -6.46 -22.30
CA GLY A 32 0.50 -6.15 -21.65
C GLY A 32 -0.57 -5.36 -22.43
N LYS A 33 -0.21 -4.84 -23.59
CA LYS A 33 -1.19 -4.09 -24.38
C LYS A 33 -1.39 -4.76 -25.73
N ALA A 34 -2.65 -4.90 -26.18
CA ALA A 34 -2.92 -5.53 -27.47
C ALA A 34 -2.11 -4.84 -28.58
N MET A 35 -1.61 -5.62 -29.53
CA MET A 35 -0.86 -5.07 -30.67
C MET A 35 -1.55 -3.91 -31.33
N VAL A 36 -2.84 -4.09 -31.63
CA VAL A 36 -3.58 -3.04 -32.29
C VAL A 36 -3.69 -1.80 -31.41
N GLN A 37 -3.77 -2.00 -30.09
CA GLN A 37 -3.86 -0.83 -29.17
C GLN A 37 -2.57 -0.03 -29.27
N HIS A 38 -1.45 -0.71 -29.40
CA HIS A 38 -0.16 0.02 -29.57
C HIS A 38 -0.27 0.90 -30.84
N VAL A 39 -0.77 0.31 -31.92
CA VAL A 39 -0.88 1.05 -33.17
C VAL A 39 -1.90 2.18 -33.00
N ILE A 40 -3.02 1.89 -32.34
CA ILE A 40 -4.04 2.91 -32.13
C ILE A 40 -3.46 4.05 -31.30
N ASP A 41 -2.63 3.73 -30.30
CA ASP A 41 -2.07 4.84 -29.49
C ASP A 41 -1.10 5.67 -30.30
N ALA A 42 -0.33 5.04 -31.17
CA ALA A 42 0.63 5.81 -31.98
C ALA A 42 -0.18 6.72 -32.93
N ALA A 43 -1.27 6.21 -33.50
CA ALA A 43 -2.13 7.00 -34.39
C ALA A 43 -2.67 8.24 -33.65
N ASN A 44 -3.19 8.03 -32.44
CA ASN A 44 -3.72 9.14 -31.65
C ASN A 44 -2.63 10.17 -31.31
N GLU A 45 -1.45 9.69 -30.97
CA GLU A 45 -0.33 10.56 -30.65
C GLU A 45 0.07 11.40 -31.85
N LEU A 46 -0.20 10.90 -33.04
CA LEU A 46 0.15 11.61 -34.26
C LEU A 46 -0.89 12.68 -34.57
N GLY A 47 -2.09 12.47 -34.05
CA GLY A 47 -3.15 13.44 -34.28
C GLY A 47 -4.25 12.99 -35.24
N ALA A 48 -4.28 11.72 -35.58
CA ALA A 48 -5.28 11.22 -36.50
C ALA A 48 -6.65 11.82 -36.20
N ALA A 49 -7.30 12.44 -37.19
CA ALA A 49 -8.62 13.00 -36.96
C ALA A 49 -9.56 11.81 -36.82
N HIS A 50 -9.33 10.77 -37.60
CA HIS A 50 -10.14 9.58 -37.48
C HIS A 50 -9.21 8.37 -37.54
N VAL A 51 -9.67 7.25 -36.99
CA VAL A 51 -8.88 6.05 -37.01
C VAL A 51 -9.84 5.00 -37.49
N HIS A 52 -9.63 4.57 -38.73
CA HIS A 52 -10.48 3.56 -39.34
C HIS A 52 -9.86 2.22 -39.05
N LEU A 53 -10.67 1.28 -38.55
CA LEU A 53 -10.15 -0.03 -38.24
C LEU A 53 -10.80 -1.02 -39.19
N VAL A 54 -10.00 -1.67 -40.02
CA VAL A 54 -10.56 -2.61 -40.96
C VAL A 54 -10.34 -4.03 -40.48
N TYR A 55 -11.45 -4.73 -40.24
CA TYR A 55 -11.40 -6.07 -39.72
C TYR A 55 -12.12 -7.14 -40.57
N GLY A 56 -11.60 -8.37 -40.49
CA GLY A 56 -12.17 -9.52 -41.15
C GLY A 56 -13.10 -10.04 -40.08
N HIS A 57 -12.93 -11.25 -39.54
CA HIS A 57 -13.88 -11.63 -38.50
C HIS A 57 -13.44 -11.20 -37.09
N GLY A 58 -14.24 -11.60 -36.11
CA GLY A 58 -13.95 -11.28 -34.73
C GLY A 58 -14.45 -9.91 -34.38
N GLY A 59 -15.38 -9.40 -35.18
CA GLY A 59 -15.93 -8.07 -34.97
C GLY A 59 -16.36 -7.79 -33.56
N ASP A 60 -17.16 -8.69 -32.99
CA ASP A 60 -17.66 -8.52 -31.64
C ASP A 60 -16.55 -8.45 -30.63
N LEU A 61 -15.64 -9.44 -30.62
CA LEU A 61 -14.51 -9.44 -29.68
C LEU A 61 -13.71 -8.15 -29.81
N LEU A 62 -13.47 -7.72 -31.04
CA LEU A 62 -12.71 -6.48 -31.29
C LEU A 62 -13.44 -5.25 -30.74
N LYS A 63 -14.72 -5.12 -31.09
CA LYS A 63 -15.53 -3.99 -30.62
C LYS A 63 -15.58 -3.97 -29.10
N GLN A 64 -15.73 -5.15 -28.52
CA GLN A 64 -15.76 -5.35 -27.07
C GLN A 64 -14.45 -4.89 -26.44
N ALA A 65 -13.33 -5.37 -26.99
CA ALA A 65 -11.99 -5.06 -26.48
C ALA A 65 -11.55 -3.64 -26.70
N LEU A 66 -11.96 -3.03 -27.80
CA LEU A 66 -11.53 -1.66 -28.09
C LEU A 66 -12.64 -0.61 -27.84
N LYS A 67 -13.63 -1.00 -27.05
CA LYS A 67 -14.75 -0.11 -26.73
C LYS A 67 -14.36 1.26 -26.19
N ASP A 68 -13.22 1.38 -25.52
CA ASP A 68 -12.83 2.69 -24.98
C ASP A 68 -12.17 3.62 -26.00
N ASP A 69 -12.14 3.21 -27.27
CA ASP A 69 -11.55 4.04 -28.32
C ASP A 69 -12.64 4.48 -29.28
N ASN A 70 -12.45 5.63 -29.90
CA ASN A 70 -13.44 6.12 -30.86
C ASN A 70 -12.98 5.81 -32.28
N LEU A 71 -13.30 4.59 -32.68
CA LEU A 71 -12.91 4.05 -33.96
C LEU A 71 -14.06 3.87 -34.95
N ASN A 72 -13.74 4.06 -36.23
CA ASN A 72 -14.70 3.87 -37.29
C ASN A 72 -14.49 2.47 -37.80
N TRP A 73 -15.42 1.60 -37.45
CA TRP A 73 -15.35 0.21 -37.82
C TRP A 73 -15.67 -0.06 -39.28
N VAL A 74 -14.69 -0.61 -39.99
CA VAL A 74 -14.84 -0.92 -41.40
C VAL A 74 -14.73 -2.42 -41.65
N LEU A 75 -15.83 -3.06 -42.00
CA LEU A 75 -15.83 -4.48 -42.27
C LEU A 75 -15.33 -4.81 -43.69
N GLN A 76 -14.55 -5.88 -43.81
CA GLN A 76 -14.04 -6.36 -45.09
C GLN A 76 -14.66 -7.74 -45.14
N ALA A 77 -15.79 -7.84 -45.82
CA ALA A 77 -16.54 -9.08 -45.92
C ALA A 77 -15.73 -10.30 -46.30
N GLU A 78 -14.86 -10.19 -47.28
CA GLU A 78 -14.07 -11.32 -47.73
C GLU A 78 -12.60 -10.97 -47.68
N GLN A 79 -11.76 -11.98 -47.64
CA GLN A 79 -10.32 -11.77 -47.57
C GLN A 79 -9.68 -11.52 -48.93
N LEU A 80 -9.93 -10.34 -49.49
CA LEU A 80 -9.39 -9.99 -50.81
C LEU A 80 -8.12 -9.13 -50.82
N GLY A 81 -7.37 -9.13 -49.71
CA GLY A 81 -6.13 -8.35 -49.67
C GLY A 81 -6.22 -6.90 -49.23
N THR A 82 -5.06 -6.32 -48.97
CA THR A 82 -4.93 -4.94 -48.52
C THR A 82 -5.55 -3.88 -49.44
N GLY A 83 -5.37 -4.06 -50.76
CA GLY A 83 -5.92 -3.11 -51.71
C GLY A 83 -7.42 -3.09 -51.59
N HIS A 84 -8.01 -4.29 -51.59
CA HIS A 84 -9.45 -4.40 -51.45
C HIS A 84 -9.84 -3.81 -50.08
N ALA A 85 -9.09 -4.15 -49.02
CA ALA A 85 -9.40 -3.60 -47.69
C ALA A 85 -9.35 -2.07 -47.72
N MET A 86 -8.31 -1.48 -48.30
CA MET A 86 -8.29 -0.03 -48.33
C MET A 86 -9.51 0.55 -49.06
N GLN A 87 -10.00 -0.15 -50.08
CA GLN A 87 -11.17 0.34 -50.82
C GLN A 87 -12.38 0.45 -49.92
N GLN A 88 -12.52 -0.46 -48.96
CA GLN A 88 -13.66 -0.42 -48.05
C GLN A 88 -13.61 0.81 -47.14
N ALA A 89 -12.41 1.30 -46.85
CA ALA A 89 -12.28 2.46 -45.98
C ALA A 89 -12.33 3.76 -46.74
N ALA A 90 -11.86 3.73 -47.99
CA ALA A 90 -11.77 4.92 -48.86
C ALA A 90 -12.95 5.89 -48.82
N PRO A 91 -14.20 5.37 -48.84
CA PRO A 91 -15.39 6.23 -48.79
C PRO A 91 -15.39 7.18 -47.58
N PHE A 92 -14.61 6.85 -46.55
CA PHE A 92 -14.54 7.67 -45.35
C PHE A 92 -13.40 8.66 -45.34
N PHE A 93 -12.51 8.61 -46.33
CA PHE A 93 -11.38 9.53 -46.36
C PHE A 93 -11.84 10.94 -46.78
N ALA A 94 -11.33 11.96 -46.12
CA ALA A 94 -11.66 13.31 -46.51
C ALA A 94 -10.71 13.64 -47.68
N ASP A 95 -11.09 14.57 -48.55
CA ASP A 95 -10.20 14.94 -49.64
C ASP A 95 -9.17 15.95 -49.17
N ASP A 96 -9.40 16.54 -48.00
CA ASP A 96 -8.50 17.54 -47.41
C ASP A 96 -7.33 16.93 -46.67
N GLU A 97 -7.58 15.82 -45.99
CA GLU A 97 -6.57 15.15 -45.16
C GLU A 97 -5.65 14.15 -45.85
N ASP A 98 -4.57 13.85 -45.15
CA ASP A 98 -3.62 12.85 -45.58
C ASP A 98 -4.19 11.58 -44.95
N ILE A 99 -3.90 10.44 -45.56
CA ILE A 99 -4.36 9.15 -45.08
C ILE A 99 -3.08 8.34 -44.88
N LEU A 100 -2.85 7.92 -43.64
CA LEU A 100 -1.70 7.11 -43.27
C LEU A 100 -2.21 5.69 -43.09
N MET A 101 -1.52 4.69 -43.63
CA MET A 101 -2.01 3.34 -43.44
C MET A 101 -0.99 2.54 -42.66
N LEU A 102 -1.52 1.87 -41.63
CA LEU A 102 -0.73 1.08 -40.69
C LEU A 102 -1.36 -0.28 -40.54
N TYR A 103 -0.64 -1.17 -39.86
CA TYR A 103 -1.10 -2.52 -39.64
C TYR A 103 -1.26 -2.82 -38.17
N GLY A 104 -2.35 -3.52 -37.85
CA GLY A 104 -2.66 -3.87 -36.48
C GLY A 104 -1.68 -4.88 -35.92
N ASP A 105 -0.93 -5.55 -36.81
CA ASP A 105 0.04 -6.51 -36.33
C ASP A 105 1.50 -6.12 -36.54
N VAL A 106 1.77 -4.81 -36.59
CA VAL A 106 3.15 -4.30 -36.66
C VAL A 106 3.10 -3.31 -35.50
N PRO A 107 3.09 -3.84 -34.27
CA PRO A 107 3.01 -3.08 -33.01
C PRO A 107 4.07 -2.08 -32.59
N LEU A 108 5.32 -2.28 -32.99
CA LEU A 108 6.35 -1.37 -32.54
C LEU A 108 6.65 -0.12 -33.38
N ILE A 109 5.85 0.14 -34.42
CA ILE A 109 6.07 1.32 -35.26
C ILE A 109 6.05 2.55 -34.38
N SER A 110 7.10 3.37 -34.43
CA SER A 110 7.19 4.54 -33.58
C SER A 110 6.62 5.83 -34.12
N VAL A 111 6.12 6.67 -33.22
CA VAL A 111 5.56 7.96 -33.55
C VAL A 111 6.60 8.83 -34.26
N GLU A 112 7.83 8.78 -33.75
CA GLU A 112 8.95 9.55 -34.28
C GLU A 112 9.12 9.25 -35.78
N THR A 113 9.17 7.97 -36.12
CA THR A 113 9.32 7.55 -37.50
C THR A 113 8.12 7.99 -38.35
N LEU A 114 6.91 7.77 -37.85
CA LEU A 114 5.74 8.14 -38.62
C LEU A 114 5.71 9.65 -38.85
N GLN A 115 6.33 10.41 -37.95
CA GLN A 115 6.33 11.85 -38.11
C GLN A 115 7.27 12.24 -39.26
N ARG A 116 8.39 11.54 -39.40
CA ARG A 116 9.31 11.84 -40.49
C ARG A 116 8.70 11.38 -41.82
N LEU A 117 7.92 10.31 -41.77
CA LEU A 117 7.27 9.80 -42.96
C LEU A 117 6.27 10.84 -43.42
N ARG A 118 5.71 11.54 -42.45
CA ARG A 118 4.72 12.55 -42.73
C ARG A 118 5.42 13.80 -43.26
N ASP A 119 6.64 14.05 -42.82
CA ASP A 119 7.40 15.21 -43.27
C ASP A 119 7.93 15.02 -44.67
N ALA A 120 8.29 13.78 -45.01
CA ALA A 120 8.84 13.50 -46.33
C ALA A 120 7.82 13.35 -47.46
N LYS A 121 6.52 13.36 -47.13
CA LYS A 121 5.52 13.22 -48.17
C LYS A 121 5.44 14.50 -48.99
N PRO A 122 5.78 14.42 -50.28
CA PRO A 122 5.76 15.56 -51.21
C PRO A 122 4.33 16.01 -51.48
N GLN A 123 4.16 17.29 -51.84
CA GLN A 123 2.83 17.80 -52.14
C GLN A 123 2.30 16.95 -53.28
N GLY A 124 1.04 16.53 -53.16
CA GLY A 124 0.43 15.71 -54.19
C GLY A 124 0.99 14.32 -54.31
N GLY A 125 2.04 14.01 -53.55
CA GLY A 125 2.63 12.68 -53.64
C GLY A 125 2.36 11.68 -52.52
N ILE A 126 3.30 10.74 -52.37
CA ILE A 126 3.24 9.67 -51.39
C ILE A 126 4.51 9.66 -50.53
N GLY A 127 4.36 9.24 -49.28
CA GLY A 127 5.49 9.11 -48.37
C GLY A 127 5.51 7.61 -48.17
N LEU A 128 6.64 6.98 -48.51
CA LEU A 128 6.76 5.53 -48.40
C LEU A 128 7.83 5.18 -47.38
N LEU A 129 7.54 4.19 -46.52
CA LEU A 129 8.47 3.72 -45.49
C LEU A 129 9.07 2.42 -46.01
N THR A 130 10.40 2.37 -46.06
CA THR A 130 11.08 1.18 -46.57
C THR A 130 12.32 0.86 -45.78
N VAL A 131 12.75 -0.39 -45.88
CA VAL A 131 13.95 -0.82 -45.17
C VAL A 131 14.87 -1.67 -46.04
N LYS A 132 16.16 -1.57 -45.75
CA LYS A 132 17.19 -2.31 -46.46
C LYS A 132 17.33 -3.69 -45.82
N LEU A 133 16.88 -4.71 -46.55
CA LEU A 133 16.95 -6.11 -46.10
C LEU A 133 17.64 -7.03 -47.13
N ASP A 134 18.73 -7.65 -46.71
CA ASP A 134 19.45 -8.56 -47.60
C ASP A 134 18.85 -9.93 -47.51
N ASP A 135 17.80 -10.13 -48.29
CA ASP A 135 17.06 -11.38 -48.39
C ASP A 135 15.60 -11.01 -48.65
N PRO A 136 15.37 -10.21 -49.69
CA PRO A 136 14.03 -9.78 -50.06
C PRO A 136 13.06 -10.91 -50.37
N THR A 137 13.54 -12.15 -50.30
CA THR A 137 12.67 -13.30 -50.60
C THR A 137 11.35 -13.14 -49.86
N GLY A 138 10.27 -13.07 -50.64
CA GLY A 138 8.95 -12.91 -50.07
C GLY A 138 8.52 -11.45 -50.01
N TYR A 139 9.43 -10.57 -49.57
CA TYR A 139 9.11 -9.15 -49.47
C TYR A 139 9.00 -8.46 -50.83
N GLY A 140 8.08 -7.51 -50.94
CA GLY A 140 7.91 -6.77 -52.19
C GLY A 140 9.09 -5.84 -52.41
N ARG A 141 9.56 -5.79 -53.66
CA ARG A 141 10.74 -4.98 -54.01
C ARG A 141 10.44 -3.56 -54.50
N ILE A 142 11.29 -2.60 -54.12
CA ILE A 142 11.14 -1.19 -54.52
C ILE A 142 11.80 -0.86 -55.87
N THR A 143 11.00 -0.49 -56.88
CA THR A 143 11.57 -0.14 -58.17
C THR A 143 11.95 1.35 -58.23
N ARG A 144 13.18 1.60 -58.67
CA ARG A 144 13.69 2.97 -58.80
C ARG A 144 14.30 3.25 -60.17
N GLU A 145 14.26 4.51 -60.57
CA GLU A 145 14.82 4.98 -61.84
C GLU A 145 15.58 6.25 -61.52
N ASN A 146 16.90 6.17 -61.66
CA ASN A 146 17.80 7.29 -61.38
C ASN A 146 17.56 7.76 -59.95
N GLY A 147 17.37 6.82 -59.04
CA GLY A 147 17.15 7.15 -57.64
C GLY A 147 15.72 7.19 -57.16
N LYS A 148 14.86 7.92 -57.88
CA LYS A 148 13.45 8.07 -57.52
C LYS A 148 12.62 6.79 -57.59
N VAL A 149 11.69 6.65 -56.65
CA VAL A 149 10.83 5.48 -56.57
C VAL A 149 9.87 5.44 -57.74
N THR A 150 9.68 4.25 -58.32
CA THR A 150 8.80 4.07 -59.46
C THR A 150 7.61 3.15 -59.20
N GLY A 151 7.78 2.25 -58.25
CA GLY A 151 6.71 1.32 -57.94
C GLY A 151 7.21 0.25 -57.02
N ILE A 152 6.36 -0.77 -56.85
CA ILE A 152 6.70 -1.90 -55.99
C ILE A 152 6.33 -3.12 -56.82
N VAL A 153 7.19 -4.12 -56.82
CA VAL A 153 6.88 -5.34 -57.54
C VAL A 153 6.79 -6.52 -56.57
N GLU A 154 5.58 -7.05 -56.41
CA GLU A 154 5.31 -8.18 -55.53
C GLU A 154 6.22 -9.32 -55.94
N HIS A 155 6.85 -9.98 -54.96
CA HIS A 155 7.77 -11.10 -55.22
C HIS A 155 7.31 -12.09 -56.27
N LYS A 156 6.08 -12.59 -56.13
CA LYS A 156 5.51 -13.55 -57.08
C LYS A 156 5.38 -12.92 -58.47
N ASP A 157 5.37 -11.59 -58.52
CA ASP A 157 5.24 -10.85 -59.77
C ASP A 157 6.58 -10.25 -60.22
N ALA A 158 7.62 -10.46 -59.41
CA ALA A 158 8.94 -9.95 -59.72
C ALA A 158 9.70 -10.90 -60.64
N THR A 159 10.53 -10.34 -61.52
CA THR A 159 11.30 -11.15 -62.46
C THR A 159 12.62 -11.51 -61.79
N ASP A 160 13.23 -12.63 -62.21
CA ASP A 160 14.50 -13.06 -61.65
C ASP A 160 15.44 -11.87 -61.48
N GLU A 161 15.52 -11.07 -62.53
CA GLU A 161 16.39 -9.89 -62.56
C GLU A 161 16.10 -8.94 -61.39
N GLN A 162 14.85 -8.50 -61.29
CA GLN A 162 14.46 -7.57 -60.23
C GLN A 162 14.24 -8.27 -58.89
N ARG A 163 14.05 -9.58 -58.93
CA ARG A 163 13.82 -10.39 -57.74
C ARG A 163 15.04 -10.44 -56.82
N GLN A 164 15.93 -9.46 -56.93
CA GLN A 164 17.06 -9.41 -56.04
C GLN A 164 17.39 -7.99 -55.64
N ILE A 165 16.35 -7.16 -55.64
CA ILE A 165 16.45 -5.78 -55.21
C ILE A 165 16.42 -5.91 -53.68
N GLN A 166 17.27 -5.14 -52.99
CA GLN A 166 17.36 -5.21 -51.54
C GLN A 166 16.35 -4.38 -50.73
N GLU A 167 16.10 -3.14 -51.15
CA GLU A 167 15.15 -2.29 -50.46
C GLU A 167 13.74 -2.90 -50.48
N ILE A 168 13.17 -3.03 -49.30
CA ILE A 168 11.86 -3.61 -49.13
C ILE A 168 10.75 -2.64 -48.71
N ASN A 169 9.53 -2.96 -49.15
CA ASN A 169 8.31 -2.21 -48.85
C ASN A 169 7.78 -2.62 -47.47
N THR A 170 7.72 -1.69 -46.52
CA THR A 170 7.20 -2.04 -45.18
C THR A 170 5.67 -2.09 -45.26
N GLY A 171 5.11 -1.50 -46.32
CA GLY A 171 3.68 -1.48 -46.49
C GLY A 171 3.02 -0.29 -45.83
N ILE A 172 3.80 0.54 -45.14
CA ILE A 172 3.28 1.71 -44.45
C ILE A 172 3.49 2.92 -45.32
N LEU A 173 2.44 3.67 -45.58
CA LEU A 173 2.61 4.85 -46.42
C LEU A 173 1.55 5.91 -46.12
N ILE A 174 1.79 7.10 -46.66
CA ILE A 174 0.88 8.19 -46.45
C ILE A 174 0.71 9.07 -47.72
N ALA A 175 -0.53 9.50 -47.99
CA ALA A 175 -0.82 10.34 -49.15
C ALA A 175 -2.16 11.03 -48.98
N ASN A 176 -2.42 12.05 -49.80
CA ASN A 176 -3.69 12.76 -49.72
C ASN A 176 -4.88 11.84 -49.99
N GLY A 177 -5.98 12.11 -49.29
CA GLY A 177 -7.19 11.32 -49.40
C GLY A 177 -7.84 11.26 -50.78
N ALA A 178 -7.98 12.42 -51.41
CA ALA A 178 -8.54 12.49 -52.77
C ALA A 178 -7.66 11.61 -53.67
N ASP A 179 -6.36 11.84 -53.63
CA ASP A 179 -5.41 11.06 -54.43
C ASP A 179 -5.63 9.58 -54.18
N MET A 180 -5.64 9.22 -52.90
CA MET A 180 -5.82 7.83 -52.52
C MET A 180 -7.12 7.28 -53.11
N LYS A 181 -8.19 8.05 -53.02
CA LYS A 181 -9.47 7.59 -53.55
C LYS A 181 -9.36 7.32 -55.04
N ARG A 182 -8.61 8.16 -55.75
CA ARG A 182 -8.42 8.01 -57.18
C ARG A 182 -7.66 6.73 -57.54
N TRP A 183 -6.47 6.54 -56.98
CA TRP A 183 -5.68 5.34 -57.26
C TRP A 183 -6.43 4.05 -56.90
N LEU A 184 -7.03 4.04 -55.72
CA LEU A 184 -7.78 2.88 -55.24
C LEU A 184 -8.86 2.44 -56.20
N ALA A 185 -9.44 3.41 -56.91
CA ALA A 185 -10.51 3.10 -57.85
C ALA A 185 -9.93 2.41 -59.09
N LYS A 186 -8.68 2.72 -59.41
CA LYS A 186 -8.00 2.16 -60.59
C LYS A 186 -7.18 0.88 -60.37
N LEU A 187 -7.51 0.09 -59.34
CA LEU A 187 -6.77 -1.14 -59.07
C LEU A 187 -7.41 -2.30 -59.85
N THR A 188 -6.64 -3.35 -60.15
CA THR A 188 -7.18 -4.47 -60.90
C THR A 188 -6.78 -5.84 -60.39
N ASN A 189 -7.51 -6.85 -60.86
CA ASN A 189 -7.27 -8.24 -60.46
C ASN A 189 -6.42 -9.09 -61.39
N ASN A 190 -6.23 -8.68 -62.65
CA ASN A 190 -5.40 -9.48 -63.58
C ASN A 190 -3.98 -9.51 -63.00
N ASN A 191 -3.87 -10.24 -61.90
CA ASN A 191 -2.65 -10.40 -61.11
C ASN A 191 -2.23 -11.86 -60.94
N ALA A 192 -1.16 -12.05 -60.17
CA ALA A 192 -0.67 -13.38 -59.86
C ALA A 192 -1.78 -14.08 -59.07
N GLN A 193 -2.56 -13.32 -58.31
CA GLN A 193 -3.66 -13.91 -57.54
C GLN A 193 -4.99 -13.15 -57.51
N GLY A 194 -5.47 -12.79 -58.69
CA GLY A 194 -6.73 -12.09 -58.83
C GLY A 194 -7.20 -11.14 -57.75
N GLU A 195 -6.26 -10.47 -57.08
CA GLU A 195 -6.60 -9.54 -56.02
C GLU A 195 -6.00 -8.18 -56.30
N TYR A 196 -6.62 -7.14 -55.76
CA TYR A 196 -6.10 -5.80 -55.96
C TYR A 196 -4.83 -5.66 -55.13
N TYR A 197 -3.79 -5.11 -55.75
CA TYR A 197 -2.51 -4.87 -55.09
C TYR A 197 -2.42 -3.42 -54.62
N ILE A 198 -2.37 -3.20 -53.31
CA ILE A 198 -2.28 -1.84 -52.80
C ILE A 198 -0.95 -1.27 -53.24
N THR A 199 0.05 -2.14 -53.41
CA THR A 199 1.37 -1.71 -53.83
C THR A 199 1.31 -1.09 -55.21
N ASP A 200 0.23 -1.33 -55.95
CA ASP A 200 0.11 -0.76 -57.28
C ASP A 200 0.02 0.76 -57.26
N ILE A 201 -0.64 1.31 -56.26
CA ILE A 201 -0.79 2.76 -56.20
C ILE A 201 0.53 3.49 -56.36
N ILE A 202 1.64 2.81 -56.12
CA ILE A 202 2.92 3.49 -56.26
C ILE A 202 3.21 3.83 -57.73
N ALA A 203 2.99 2.87 -58.63
CA ALA A 203 3.21 3.08 -60.06
C ALA A 203 2.16 4.05 -60.57
N LEU A 204 0.90 3.80 -60.23
CA LEU A 204 -0.19 4.66 -60.66
C LEU A 204 0.14 6.12 -60.38
N ALA A 205 0.76 6.38 -59.23
CA ALA A 205 1.12 7.73 -58.83
C ALA A 205 2.36 8.22 -59.56
N TYR A 206 3.24 7.29 -59.94
CA TYR A 206 4.44 7.66 -60.66
C TYR A 206 3.98 8.08 -62.07
N GLN A 207 3.15 7.25 -62.68
CA GLN A 207 2.62 7.51 -64.02
C GLN A 207 1.89 8.86 -64.07
N GLU A 208 1.21 9.23 -62.98
CA GLU A 208 0.51 10.52 -62.97
C GLU A 208 1.54 11.62 -62.84
N GLY A 209 2.81 11.23 -62.85
CA GLY A 209 3.87 12.21 -62.75
C GLY A 209 4.06 12.78 -61.37
N ARG A 210 3.57 12.07 -60.36
CA ARG A 210 3.72 12.54 -58.98
C ARG A 210 4.89 11.84 -58.32
N GLU A 211 5.52 12.54 -57.37
CA GLU A 211 6.67 11.99 -56.67
C GLU A 211 6.38 11.20 -55.39
N ILE A 212 7.11 10.11 -55.23
CA ILE A 212 6.98 9.28 -54.07
C ILE A 212 8.36 9.17 -53.40
N VAL A 213 8.43 9.72 -52.19
CA VAL A 213 9.65 9.73 -51.38
C VAL A 213 9.67 8.57 -50.37
N ALA A 214 10.80 7.88 -50.27
CA ALA A 214 10.94 6.76 -49.35
C ALA A 214 11.71 7.15 -48.10
N VAL A 215 11.25 6.67 -46.96
CA VAL A 215 11.86 6.94 -45.67
C VAL A 215 12.19 5.61 -44.97
N HIS A 216 13.08 5.66 -43.99
CA HIS A 216 13.48 4.48 -43.25
C HIS A 216 13.25 4.68 -41.77
N PRO A 217 12.94 3.59 -41.04
CA PRO A 217 12.69 3.68 -39.60
C PRO A 217 14.01 3.63 -38.83
N GLN A 218 14.04 4.14 -37.60
CA GLN A 218 15.24 4.08 -36.78
C GLN A 218 15.64 2.63 -36.57
N ARG A 219 14.66 1.77 -36.28
CA ARG A 219 14.89 0.34 -36.03
C ARG A 219 14.06 -0.60 -36.90
N LEU A 220 14.68 -1.70 -37.28
CA LEU A 220 14.02 -2.71 -38.10
C LEU A 220 12.81 -3.30 -37.35
N SER A 221 12.90 -3.33 -36.03
CA SER A 221 11.85 -3.87 -35.17
C SER A 221 10.53 -3.11 -35.37
N GLU A 222 10.64 -1.80 -35.62
CA GLU A 222 9.49 -0.92 -35.84
C GLU A 222 8.52 -1.35 -36.95
N VAL A 223 9.01 -2.16 -37.87
CA VAL A 223 8.18 -2.57 -38.98
C VAL A 223 8.02 -4.07 -39.11
N GLU A 224 8.45 -4.81 -38.10
CA GLU A 224 8.28 -6.26 -38.11
C GLU A 224 6.82 -6.56 -37.86
N GLY A 225 6.27 -7.49 -38.62
CA GLY A 225 4.91 -7.89 -38.47
C GLY A 225 4.82 -9.22 -37.73
N VAL A 226 3.64 -9.52 -37.20
CA VAL A 226 3.41 -10.74 -36.43
C VAL A 226 2.32 -11.63 -37.03
N ASN A 227 2.68 -12.86 -37.38
CA ASN A 227 1.73 -13.82 -37.92
C ASN A 227 1.59 -15.02 -36.98
N ASN A 228 2.56 -15.23 -36.10
CA ASN A 228 2.45 -16.37 -35.19
C ASN A 228 3.06 -15.97 -33.84
N ARG A 229 2.89 -16.82 -32.84
CA ARG A 229 3.41 -16.51 -31.50
C ARG A 229 4.93 -16.50 -31.34
N LEU A 230 5.63 -17.28 -32.18
CA LEU A 230 7.10 -17.23 -32.11
C LEU A 230 7.50 -15.83 -32.52
N GLN A 231 6.87 -15.28 -33.55
CA GLN A 231 7.22 -13.91 -33.97
C GLN A 231 6.84 -12.85 -32.88
N LEU A 232 5.71 -13.04 -32.21
CA LEU A 232 5.32 -12.06 -31.18
C LEU A 232 6.36 -12.10 -30.05
N SER A 233 6.76 -13.31 -29.62
CA SER A 233 7.71 -13.39 -28.51
C SER A 233 8.97 -12.70 -28.87
N ARG A 234 9.40 -12.87 -30.12
CA ARG A 234 10.63 -12.21 -30.57
C ARG A 234 10.49 -10.71 -30.51
N LEU A 235 9.36 -10.18 -30.94
CA LEU A 235 9.21 -8.72 -30.84
C LEU A 235 9.13 -8.27 -29.38
N GLU A 236 8.48 -9.07 -28.54
CA GLU A 236 8.37 -8.78 -27.08
C GLU A 236 9.78 -8.60 -26.47
N ARG A 237 10.66 -9.55 -26.81
CA ARG A 237 12.02 -9.48 -26.30
C ARG A 237 12.72 -8.21 -26.80
N VAL A 238 12.55 -7.86 -28.08
CA VAL A 238 13.22 -6.68 -28.62
C VAL A 238 12.74 -5.46 -27.88
N TYR A 239 11.44 -5.35 -27.71
CA TYR A 239 10.90 -4.21 -26.99
C TYR A 239 11.42 -4.14 -25.53
N GLN A 240 11.39 -5.27 -24.83
CA GLN A 240 11.84 -5.28 -23.44
C GLN A 240 13.30 -4.84 -23.39
N SER A 241 14.06 -5.41 -24.28
CA SER A 241 15.45 -5.06 -24.36
C SER A 241 15.63 -3.56 -24.59
N GLU A 242 14.86 -2.99 -25.53
CA GLU A 242 14.96 -1.55 -25.78
C GLU A 242 14.58 -0.72 -24.53
N GLN A 243 13.50 -1.11 -23.85
CA GLN A 243 13.08 -0.37 -22.64
C GLN A 243 14.13 -0.45 -21.55
N ALA A 244 14.70 -1.63 -21.37
CA ALA A 244 15.73 -1.85 -20.36
C ALA A 244 16.93 -0.94 -20.64
N GLU A 245 17.39 -0.91 -21.89
CA GLU A 245 18.52 -0.05 -22.23
C GLU A 245 18.23 1.41 -21.95
N LYS A 246 17.02 1.88 -22.29
CA LYS A 246 16.69 3.28 -22.01
C LYS A 246 16.77 3.57 -20.51
N LEU A 247 16.24 2.64 -19.70
CA LEU A 247 16.23 2.81 -18.25
C LEU A 247 17.63 2.85 -17.68
N LEU A 248 18.49 1.93 -18.10
CA LEU A 248 19.85 1.94 -17.63
C LEU A 248 20.51 3.27 -18.06
N LEU A 249 20.39 3.66 -19.32
CA LEU A 249 21.01 4.93 -19.75
C LEU A 249 20.40 6.09 -18.95
N ALA A 250 19.14 5.96 -18.56
CA ALA A 250 18.50 7.03 -17.80
C ALA A 250 18.88 7.02 -16.32
N GLY A 251 19.68 6.05 -15.90
CA GLY A 251 20.09 6.03 -14.51
C GLY A 251 19.43 5.04 -13.58
N VAL A 252 18.63 4.09 -14.09
CA VAL A 252 18.01 3.07 -13.22
C VAL A 252 18.91 1.85 -13.30
N MET A 253 19.38 1.31 -12.17
CA MET A 253 20.25 0.14 -12.27
C MET A 253 19.45 -1.17 -12.40
N LEU A 254 19.50 -1.79 -13.59
CA LEU A 254 18.85 -3.08 -13.78
C LEU A 254 20.01 -4.08 -13.67
N ARG A 255 19.95 -5.01 -12.73
CA ARG A 255 21.02 -5.99 -12.50
C ARG A 255 21.16 -6.99 -13.66
N ASP A 256 20.16 -7.03 -14.55
CA ASP A 256 20.25 -7.85 -15.73
C ASP A 256 19.12 -7.46 -16.62
N PRO A 257 19.40 -6.57 -17.57
CA PRO A 257 18.37 -6.09 -18.49
C PRO A 257 17.70 -7.18 -19.29
N ALA A 258 18.33 -8.35 -19.39
CA ALA A 258 17.75 -9.46 -20.15
C ALA A 258 16.71 -10.19 -19.29
N ARG A 259 16.66 -9.88 -18.01
CA ARG A 259 15.70 -10.50 -17.10
C ARG A 259 14.89 -9.40 -16.39
N PHE A 260 14.21 -8.58 -17.20
CA PHE A 260 13.39 -7.47 -16.72
C PHE A 260 12.24 -7.30 -17.70
N ASP A 261 11.05 -7.03 -17.18
CA ASP A 261 9.91 -6.87 -18.05
C ASP A 261 9.08 -5.72 -17.53
N LEU A 262 8.81 -4.78 -18.43
CA LEU A 262 7.99 -3.62 -18.15
C LEU A 262 6.78 -3.81 -19.07
N ARG A 263 5.60 -3.94 -18.46
CA ARG A 263 4.34 -4.11 -19.16
C ARG A 263 3.45 -2.97 -18.64
N GLY A 264 3.82 -1.73 -18.97
CA GLY A 264 3.05 -0.61 -18.53
C GLY A 264 3.87 0.65 -18.57
N THR A 265 3.78 1.46 -17.52
CA THR A 265 4.51 2.72 -17.48
C THR A 265 5.25 2.84 -16.15
N LEU A 266 6.55 3.05 -16.22
CA LEU A 266 7.38 3.18 -15.04
C LEU A 266 7.75 4.63 -14.80
N THR A 267 7.53 5.15 -13.60
CA THR A 267 7.95 6.50 -13.28
C THR A 267 8.96 6.21 -12.18
N HIS A 268 10.14 6.82 -12.24
CA HIS A 268 11.16 6.54 -11.23
C HIS A 268 11.98 7.75 -10.88
N GLY A 269 12.59 7.66 -9.71
CA GLY A 269 13.44 8.70 -9.21
C GLY A 269 14.89 8.33 -9.44
N ARG A 270 15.72 8.82 -8.56
CA ARG A 270 17.16 8.67 -8.67
C ARG A 270 17.72 7.46 -7.92
N ASP A 271 18.73 6.83 -8.51
CA ASP A 271 19.35 5.69 -7.86
C ASP A 271 18.40 4.54 -7.42
N VAL A 272 17.50 4.15 -8.31
CA VAL A 272 16.62 3.04 -8.07
C VAL A 272 17.43 1.81 -8.53
N GLU A 273 17.26 0.68 -7.82
CA GLU A 273 17.97 -0.58 -8.15
C GLU A 273 16.92 -1.63 -8.34
N ILE A 274 16.98 -2.34 -9.47
CA ILE A 274 16.02 -3.39 -9.75
C ILE A 274 16.82 -4.64 -10.02
N ASP A 275 16.62 -5.66 -9.20
CA ASP A 275 17.39 -6.90 -9.37
C ASP A 275 16.82 -7.81 -10.47
N THR A 276 17.38 -8.99 -10.63
CA THR A 276 16.91 -9.87 -11.68
C THR A 276 15.45 -10.32 -11.59
N ASN A 277 14.90 -10.66 -12.76
CA ASN A 277 13.56 -11.22 -12.88
C ASN A 277 12.40 -10.46 -12.31
N VAL A 278 12.45 -9.14 -12.39
CA VAL A 278 11.40 -8.32 -11.86
C VAL A 278 10.42 -7.99 -13.03
N ILE A 279 9.16 -7.89 -12.69
CA ILE A 279 8.15 -7.58 -13.68
C ILE A 279 7.36 -6.38 -13.18
N ILE A 280 7.25 -5.38 -14.04
CA ILE A 280 6.54 -4.16 -13.69
C ILE A 280 5.25 -4.12 -14.52
N GLU A 281 4.08 -3.97 -13.89
CA GLU A 281 2.80 -3.95 -14.64
C GLU A 281 1.94 -2.71 -14.36
N GLY A 282 1.18 -2.27 -15.38
CA GLY A 282 0.31 -1.12 -15.24
C GLY A 282 1.15 0.08 -14.92
N ASN A 283 0.61 1.05 -14.20
CA ASN A 283 1.39 2.23 -13.84
C ASN A 283 2.07 2.07 -12.49
N VAL A 284 3.38 2.19 -12.49
CA VAL A 284 4.17 2.01 -11.30
C VAL A 284 5.11 3.18 -11.12
N THR A 285 5.21 3.67 -9.88
CA THR A 285 6.13 4.76 -9.56
C THR A 285 7.09 4.25 -8.51
N LEU A 286 8.38 4.42 -8.72
CA LEU A 286 9.35 3.98 -7.74
C LEU A 286 10.09 5.25 -7.34
N GLY A 287 10.01 5.60 -6.06
CA GLY A 287 10.67 6.80 -5.55
C GLY A 287 12.17 6.65 -5.56
N HIS A 288 12.86 7.70 -5.07
CA HIS A 288 14.31 7.71 -5.05
C HIS A 288 14.87 6.56 -4.22
N ARG A 289 15.98 6.00 -4.69
CA ARG A 289 16.70 4.97 -3.96
C ARG A 289 15.91 3.74 -3.55
N VAL A 290 14.80 3.50 -4.20
CA VAL A 290 14.05 2.30 -3.94
C VAL A 290 14.89 1.12 -4.45
N LYS A 291 14.84 0.01 -3.73
CA LYS A 291 15.55 -1.19 -4.15
C LYS A 291 14.53 -2.32 -4.33
N ILE A 292 14.49 -2.90 -5.52
CA ILE A 292 13.57 -4.02 -5.76
C ILE A 292 14.33 -5.34 -5.81
N GLY A 293 14.08 -6.20 -4.82
CA GLY A 293 14.74 -7.52 -4.75
C GLY A 293 14.41 -8.39 -5.97
N THR A 294 15.19 -9.45 -6.15
CA THR A 294 14.97 -10.33 -7.28
C THR A 294 13.59 -10.99 -7.33
N GLY A 295 13.02 -11.06 -8.54
CA GLY A 295 11.74 -11.75 -8.71
C GLY A 295 10.46 -11.06 -8.26
N CYS A 296 10.51 -9.80 -7.87
CA CYS A 296 9.29 -9.12 -7.47
C CYS A 296 8.40 -8.78 -8.65
N VAL A 297 7.11 -8.71 -8.36
CA VAL A 297 6.13 -8.30 -9.33
C VAL A 297 5.46 -7.07 -8.71
N ILE A 298 5.70 -5.92 -9.32
CA ILE A 298 5.13 -4.64 -8.86
C ILE A 298 4.06 -4.26 -9.87
N LYS A 299 2.81 -4.13 -9.40
CA LYS A 299 1.67 -3.82 -10.27
C LYS A 299 0.76 -2.72 -9.71
N ASN A 300 0.54 -1.69 -10.53
CA ASN A 300 -0.32 -0.55 -10.20
C ASN A 300 -0.13 -0.13 -8.75
N SER A 301 1.10 0.25 -8.42
CA SER A 301 1.48 0.64 -7.06
C SER A 301 2.45 1.80 -7.12
N VAL A 302 2.61 2.45 -5.97
CA VAL A 302 3.51 3.61 -5.81
C VAL A 302 4.36 3.22 -4.63
N ILE A 303 5.66 3.29 -4.82
CA ILE A 303 6.56 2.87 -3.78
C ILE A 303 7.40 4.05 -3.37
N GLY A 304 7.26 4.46 -2.10
CA GLY A 304 7.99 5.62 -1.56
C GLY A 304 9.49 5.63 -1.56
N ASP A 305 10.09 6.82 -1.41
CA ASP A 305 11.55 6.92 -1.39
C ASP A 305 12.15 6.01 -0.37
N ASP A 306 13.33 5.49 -0.69
CA ASP A 306 14.05 4.62 0.22
C ASP A 306 13.42 3.29 0.60
N CYS A 307 12.27 2.95 0.06
CA CYS A 307 11.74 1.64 0.40
C CYS A 307 12.61 0.52 -0.21
N GLU A 308 12.59 -0.61 0.47
CA GLU A 308 13.28 -1.81 0.03
C GLU A 308 12.27 -2.93 -0.02
N ILE A 309 12.17 -3.58 -1.17
CA ILE A 309 11.25 -4.70 -1.32
C ILE A 309 12.06 -5.99 -1.40
N SER A 310 11.77 -6.93 -0.49
CA SER A 310 12.47 -8.21 -0.44
C SER A 310 12.19 -9.08 -1.68
N PRO A 311 13.05 -10.06 -1.91
CA PRO A 311 12.86 -10.93 -3.05
C PRO A 311 11.50 -11.61 -3.08
N TYR A 312 11.02 -11.80 -4.31
CA TYR A 312 9.79 -12.49 -4.60
C TYR A 312 8.55 -11.96 -3.94
N THR A 313 8.50 -10.65 -3.78
CA THR A 313 7.31 -10.01 -3.24
C THR A 313 6.40 -9.55 -4.41
N VAL A 314 5.10 -9.72 -4.25
CA VAL A 314 4.14 -9.21 -5.23
C VAL A 314 3.56 -7.97 -4.54
N VAL A 315 3.73 -6.81 -5.16
CA VAL A 315 3.19 -5.54 -4.62
C VAL A 315 2.14 -5.12 -5.63
N GLU A 316 0.87 -5.15 -5.21
CA GLU A 316 -0.25 -4.79 -6.10
C GLU A 316 -1.20 -3.72 -5.53
N ASP A 317 -1.67 -2.78 -6.38
CA ASP A 317 -2.64 -1.74 -5.98
C ASP A 317 -2.30 -1.15 -4.61
N ALA A 318 -1.02 -0.93 -4.40
CA ALA A 318 -0.55 -0.41 -3.14
C ALA A 318 0.20 0.89 -3.19
N ASN A 319 -0.07 1.74 -2.23
CA ASN A 319 0.72 2.93 -2.10
C ASN A 319 1.52 2.67 -0.83
N LEU A 320 2.82 2.51 -0.96
CA LEU A 320 3.72 2.22 0.16
C LEU A 320 4.49 3.42 0.69
N ALA A 321 4.36 3.65 1.99
CA ALA A 321 5.02 4.78 2.66
C ALA A 321 6.55 4.72 2.58
N ALA A 322 7.15 5.90 2.41
CA ALA A 322 8.60 6.07 2.32
C ALA A 322 9.36 5.38 3.43
N ALA A 323 10.56 4.92 3.10
CA ALA A 323 11.47 4.25 4.01
C ALA A 323 10.94 2.87 4.43
N CYS A 324 10.02 2.31 3.66
CA CYS A 324 9.48 1.01 4.03
C CYS A 324 10.44 -0.16 3.84
N THR A 325 10.17 -1.22 4.60
CA THR A 325 10.98 -2.43 4.60
C THR A 325 10.01 -3.59 4.41
N ILE A 326 9.76 -3.94 3.16
CA ILE A 326 8.80 -4.99 2.83
C ILE A 326 9.37 -6.42 2.66
N GLY A 327 9.01 -7.30 3.60
CA GLY A 327 9.45 -8.68 3.56
C GLY A 327 10.42 -9.08 4.67
N PRO A 328 10.85 -10.35 4.71
CA PRO A 328 11.79 -10.88 5.71
C PRO A 328 13.20 -10.56 5.26
N PHE A 329 13.34 -10.74 3.93
CA PHE A 329 14.45 -10.61 2.94
C PHE A 329 14.54 -12.00 2.28
N ASN B 3 -16.92 19.51 39.14
CA ASN B 3 -15.80 18.52 39.31
C ASN B 3 -14.48 19.23 39.67
N ASN B 4 -13.99 18.98 40.89
CA ASN B 4 -12.75 19.57 41.44
C ASN B 4 -11.51 19.38 40.51
N ALA B 5 -10.52 20.25 40.59
CA ALA B 5 -9.31 20.10 39.78
C ALA B 5 -8.46 18.97 40.38
N MET B 6 -7.59 18.34 39.59
CA MET B 6 -6.76 17.26 40.11
C MET B 6 -5.60 16.86 39.25
N SER B 7 -4.51 16.49 39.92
CA SER B 7 -3.30 16.02 39.29
C SER B 7 -3.15 14.55 39.67
N VAL B 8 -2.23 13.87 38.98
CA VAL B 8 -2.01 12.45 39.17
C VAL B 8 -0.56 12.14 39.40
N VAL B 9 -0.29 11.21 40.31
CA VAL B 9 1.09 10.78 40.54
C VAL B 9 1.05 9.34 40.09
N ILE B 10 2.07 8.94 39.35
CA ILE B 10 2.17 7.61 38.83
C ILE B 10 3.44 7.06 39.38
N LEU B 11 3.32 6.00 40.16
CA LEU B 11 4.47 5.40 40.78
C LEU B 11 5.03 4.32 39.89
N ALA B 12 6.28 4.48 39.52
CA ALA B 12 6.98 3.56 38.65
C ALA B 12 8.40 3.42 39.14
N ALA B 13 8.58 3.47 40.47
CA ALA B 13 9.91 3.41 41.09
C ALA B 13 10.54 2.06 41.40
N GLY B 14 9.76 0.98 41.35
CA GLY B 14 10.29 -0.37 41.61
C GLY B 14 11.36 -0.79 40.61
N LYS B 15 12.20 -1.75 41.01
CA LYS B 15 13.29 -2.24 40.16
C LYS B 15 12.87 -3.23 39.06
N GLY B 16 11.80 -3.98 39.32
CA GLY B 16 11.30 -4.96 38.36
C GLY B 16 12.25 -6.14 38.15
N THR B 17 12.85 -6.58 39.25
CA THR B 17 13.82 -7.66 39.23
C THR B 17 13.28 -8.98 38.65
N ARG B 18 12.05 -9.30 39.02
CA ARG B 18 11.44 -10.53 38.56
C ARG B 18 10.97 -10.56 37.09
N MET B 19 11.27 -9.50 36.35
CA MET B 19 10.93 -9.44 34.94
C MET B 19 12.16 -9.92 34.18
N TYR B 20 13.30 -10.03 34.88
CA TYR B 20 14.59 -10.43 34.27
C TYR B 20 14.77 -9.76 32.93
N SER B 21 14.76 -8.44 32.92
CA SER B 21 14.83 -7.68 31.67
C SER B 21 15.68 -6.41 31.80
N ASP B 22 16.24 -5.93 30.68
CA ASP B 22 17.04 -4.71 30.67
C ASP B 22 16.11 -3.56 30.33
N LEU B 23 14.85 -3.91 30.10
CA LEU B 23 13.87 -2.88 29.79
C LEU B 23 13.13 -2.62 31.07
N PRO B 24 13.07 -1.34 31.50
CA PRO B 24 12.37 -1.02 32.74
C PRO B 24 10.95 -1.62 32.74
N LYS B 25 10.63 -2.32 33.82
CA LYS B 25 9.35 -2.98 33.93
C LYS B 25 8.11 -2.27 33.39
N VAL B 26 7.90 -1.02 33.76
CA VAL B 26 6.69 -0.34 33.32
C VAL B 26 6.65 -0.04 31.82
N LEU B 27 7.78 -0.27 31.15
CA LEU B 27 7.81 -0.07 29.71
C LEU B 27 7.36 -1.35 28.98
N HIS B 28 7.37 -2.50 29.67
CA HIS B 28 6.91 -3.72 29.00
C HIS B 28 5.48 -3.51 28.50
N THR B 29 5.24 -3.94 27.28
CA THR B 29 3.96 -3.69 26.63
C THR B 29 2.80 -4.61 26.93
N LEU B 30 1.61 -4.04 26.81
CA LEU B 30 0.37 -4.74 26.99
C LEU B 30 -0.36 -4.29 25.73
N ALA B 31 -0.71 -5.23 24.85
CA ALA B 31 -1.41 -4.86 23.63
C ALA B 31 -0.56 -3.81 22.86
N GLY B 32 0.74 -3.97 22.93
CA GLY B 32 1.60 -3.07 22.19
C GLY B 32 1.87 -1.69 22.76
N LYS B 33 1.24 -1.34 23.87
CA LYS B 33 1.48 -0.03 24.49
C LYS B 33 2.07 -0.30 25.89
N ALA B 34 3.13 0.42 26.25
CA ALA B 34 3.74 0.20 27.56
C ALA B 34 2.72 0.37 28.70
N MET B 35 2.84 -0.50 29.71
CA MET B 35 1.93 -0.47 30.90
C MET B 35 1.71 0.94 31.39
N VAL B 36 2.83 1.64 31.60
CA VAL B 36 2.73 3.00 32.09
C VAL B 36 2.02 3.93 31.13
N GLN B 37 2.17 3.69 29.82
CA GLN B 37 1.46 4.55 28.85
C GLN B 37 -0.06 4.36 29.02
N HIS B 38 -0.50 3.13 29.34
CA HIS B 38 -1.94 2.91 29.57
C HIS B 38 -2.38 3.75 30.78
N VAL B 39 -1.60 3.71 31.85
CA VAL B 39 -1.94 4.47 33.05
C VAL B 39 -1.90 5.97 32.74
N ILE B 40 -0.89 6.41 31.98
CA ILE B 40 -0.84 7.83 31.62
C ILE B 40 -2.10 8.19 30.82
N ASP B 41 -2.50 7.32 29.89
CA ASP B 41 -3.68 7.64 29.09
C ASP B 41 -4.94 7.74 29.93
N ALA B 42 -5.11 6.85 30.92
CA ALA B 42 -6.31 6.97 31.76
C ALA B 42 -6.24 8.30 32.55
N ALA B 43 -5.04 8.67 33.04
CA ALA B 43 -4.91 9.92 33.77
C ALA B 43 -5.38 11.08 32.88
N ASN B 44 -4.79 11.17 31.69
CA ASN B 44 -5.17 12.24 30.76
C ASN B 44 -6.65 12.25 30.42
N GLU B 45 -7.27 11.08 30.30
CA GLU B 45 -8.69 11.02 29.97
C GLU B 45 -9.53 11.47 31.16
N LEU B 46 -8.93 11.42 32.35
CA LEU B 46 -9.60 11.80 33.57
C LEU B 46 -9.53 13.32 33.74
N GLY B 47 -8.47 13.93 33.19
CA GLY B 47 -8.33 15.37 33.29
C GLY B 47 -7.16 15.85 34.14
N ALA B 48 -6.28 14.95 34.54
CA ALA B 48 -5.14 15.35 35.35
C ALA B 48 -4.53 16.67 34.82
N ALA B 49 -4.40 17.66 35.70
CA ALA B 49 -3.80 18.94 35.35
C ALA B 49 -2.33 18.63 35.14
N HIS B 50 -1.76 17.81 36.01
CA HIS B 50 -0.37 17.43 35.82
C HIS B 50 -0.31 15.92 36.02
N VAL B 51 0.76 15.32 35.53
CA VAL B 51 0.98 13.91 35.71
C VAL B 51 2.42 13.75 36.10
N HIS B 52 2.63 13.46 37.37
CA HIS B 52 3.96 13.28 37.90
C HIS B 52 4.34 11.82 37.73
N LEU B 53 5.54 11.55 37.27
CA LEU B 53 5.96 10.19 37.10
C LEU B 53 7.16 10.01 38.01
N VAL B 54 7.05 9.12 39.00
CA VAL B 54 8.16 8.89 39.90
C VAL B 54 8.90 7.66 39.44
N TYR B 55 10.20 7.77 39.25
CA TYR B 55 10.98 6.64 38.76
C TYR B 55 12.27 6.37 39.51
N GLY B 56 12.62 5.09 39.60
CA GLY B 56 13.85 4.67 40.24
C GLY B 56 14.86 4.75 39.12
N HIS B 57 15.49 3.66 38.70
CA HIS B 57 16.42 3.82 37.60
C HIS B 57 15.78 3.67 36.22
N GLY B 58 16.61 3.78 35.18
CA GLY B 58 16.14 3.67 33.82
C GLY B 58 15.58 4.98 33.30
N GLY B 59 15.91 6.07 34.00
CA GLY B 59 15.43 7.39 33.64
C GLY B 59 15.55 7.75 32.17
N ASP B 60 16.71 7.41 31.59
CA ASP B 60 16.97 7.71 30.18
C ASP B 60 16.01 6.97 29.27
N LEU B 61 15.97 5.64 29.42
CA LEU B 61 15.07 4.79 28.63
C LEU B 61 13.64 5.25 28.76
N LEU B 62 13.23 5.60 29.98
CA LEU B 62 11.86 6.07 30.23
C LEU B 62 11.57 7.41 29.56
N LYS B 63 12.47 8.38 29.76
CA LYS B 63 12.29 9.72 29.17
C LYS B 63 12.23 9.59 27.64
N GLN B 64 13.08 8.72 27.11
CA GLN B 64 13.19 8.39 25.67
C GLN B 64 11.84 7.85 25.17
N ALA B 65 11.37 6.81 25.86
CA ALA B 65 10.12 6.13 25.53
C ALA B 65 8.85 6.93 25.74
N LEU B 66 8.82 7.84 26.70
CA LEU B 66 7.60 8.62 26.95
C LEU B 66 7.72 10.09 26.51
N LYS B 67 8.70 10.36 25.65
CA LYS B 67 8.96 11.72 25.15
C LYS B 67 7.78 12.46 24.58
N ASP B 68 6.78 11.73 24.10
CA ASP B 68 5.63 12.42 23.54
C ASP B 68 4.58 12.80 24.57
N ASP B 69 4.91 12.64 25.85
CA ASP B 69 3.99 12.98 26.94
C ASP B 69 4.50 14.17 27.76
N ASN B 70 3.56 14.97 28.27
CA ASN B 70 3.83 16.15 29.10
C ASN B 70 3.96 15.66 30.54
N LEU B 71 5.09 15.06 30.90
CA LEU B 71 5.27 14.53 32.25
C LEU B 71 6.29 15.23 33.13
N ASN B 72 5.93 15.42 34.40
CA ASN B 72 6.83 16.01 35.38
C ASN B 72 7.60 14.83 35.96
N TRP B 73 8.86 14.71 35.56
CA TRP B 73 9.71 13.64 36.02
C TRP B 73 10.22 13.84 37.45
N VAL B 74 9.89 12.87 38.30
CA VAL B 74 10.28 12.90 39.70
C VAL B 74 11.17 11.72 40.04
N LEU B 75 12.45 11.99 40.32
CA LEU B 75 13.40 10.93 40.65
C LEU B 75 13.26 10.54 42.12
N GLN B 76 13.36 9.25 42.39
CA GLN B 76 13.35 8.72 43.75
C GLN B 76 14.71 8.05 43.78
N ALA B 77 15.68 8.79 44.30
CA ALA B 77 17.06 8.32 44.39
C ALA B 77 17.23 6.93 45.00
N GLU B 78 16.52 6.62 46.08
CA GLU B 78 16.69 5.30 46.70
C GLU B 78 15.36 4.60 46.85
N GLN B 79 15.38 3.27 46.87
CA GLN B 79 14.13 2.49 46.98
C GLN B 79 13.55 2.43 48.39
N LEU B 80 13.02 3.55 48.86
CA LEU B 80 12.47 3.65 50.22
C LEU B 80 10.95 3.54 50.36
N GLY B 81 10.27 2.89 49.41
CA GLY B 81 8.83 2.71 49.51
C GLY B 81 7.93 3.79 48.98
N THR B 82 6.69 3.39 48.72
CA THR B 82 5.67 4.26 48.18
C THR B 82 5.50 5.59 48.94
N GLY B 83 5.56 5.50 50.27
CA GLY B 83 5.42 6.69 51.08
C GLY B 83 6.55 7.65 50.79
N HIS B 84 7.76 7.13 50.80
CA HIS B 84 8.91 7.96 50.51
C HIS B 84 8.80 8.52 49.07
N ALA B 85 8.34 7.68 48.13
CA ALA B 85 8.19 8.13 46.74
C ALA B 85 7.18 9.26 46.67
N MET B 86 6.01 9.08 47.29
CA MET B 86 5.04 10.16 47.26
C MET B 86 5.65 11.44 47.79
N GLN B 87 6.53 11.36 48.79
CA GLN B 87 7.11 12.58 49.36
C GLN B 87 7.93 13.32 48.30
N GLN B 88 8.60 12.58 47.43
CA GLN B 88 9.39 13.23 46.41
C GLN B 88 8.51 14.06 45.48
N ALA B 89 7.26 13.65 45.28
CA ALA B 89 6.37 14.40 44.39
C ALA B 89 5.57 15.47 45.09
N ALA B 90 5.33 15.27 46.38
CA ALA B 90 4.54 16.20 47.20
C ALA B 90 4.84 17.69 46.96
N PRO B 91 6.12 18.07 46.78
CA PRO B 91 6.49 19.47 46.54
C PRO B 91 5.83 20.06 45.29
N PHE B 92 5.32 19.20 44.42
CA PHE B 92 4.65 19.66 43.19
C PHE B 92 3.13 19.61 43.27
N PHE B 93 2.56 19.18 44.39
CA PHE B 93 1.10 19.13 44.50
C PHE B 93 0.59 20.54 44.75
N ALA B 94 -0.55 20.87 44.18
CA ALA B 94 -1.14 22.18 44.43
C ALA B 94 -2.03 21.95 45.64
N ASP B 95 -2.28 22.99 46.41
CA ASP B 95 -3.13 22.82 47.58
C ASP B 95 -4.60 22.85 47.18
N ASP B 96 -4.87 23.28 45.94
CA ASP B 96 -6.23 23.39 45.39
C ASP B 96 -6.77 22.09 44.83
N GLU B 97 -5.89 21.38 44.15
CA GLU B 97 -6.23 20.13 43.48
C GLU B 97 -6.26 18.88 44.35
N ASP B 98 -6.92 17.85 43.81
CA ASP B 98 -6.95 16.53 44.43
C ASP B 98 -5.72 15.86 43.84
N ILE B 99 -5.17 14.90 44.59
CA ILE B 99 -4.03 14.15 44.11
C ILE B 99 -4.47 12.71 44.03
N LEU B 100 -4.36 12.10 42.85
CA LEU B 100 -4.74 10.71 42.65
C LEU B 100 -3.45 9.98 42.47
N MET B 101 -3.28 8.86 43.16
CA MET B 101 -2.05 8.12 42.97
C MET B 101 -2.36 6.79 42.33
N LEU B 102 -1.56 6.45 41.32
CA LEU B 102 -1.72 5.23 40.55
C LEU B 102 -0.39 4.58 40.40
N TYR B 103 -0.37 3.38 39.83
CA TYR B 103 0.90 2.67 39.63
C TYR B 103 1.14 2.37 38.17
N GLY B 104 2.39 2.53 37.76
CA GLY B 104 2.76 2.27 36.38
C GLY B 104 2.61 0.81 36.00
N ASP B 105 2.53 -0.07 37.01
CA ASP B 105 2.38 -1.47 36.73
C ASP B 105 1.00 -2.07 37.01
N VAL B 106 -0.04 -1.24 37.03
CA VAL B 106 -1.39 -1.76 37.19
C VAL B 106 -2.04 -1.12 35.97
N PRO B 107 -1.78 -1.69 34.77
CA PRO B 107 -2.28 -1.20 33.49
C PRO B 107 -3.73 -1.13 33.13
N LEU B 108 -4.55 -2.04 33.68
CA LEU B 108 -5.94 -2.06 33.29
C LEU B 108 -6.92 -1.19 34.04
N ILE B 109 -6.43 -0.36 34.95
CA ILE B 109 -7.35 0.48 35.73
C ILE B 109 -8.20 1.32 34.76
N SER B 110 -9.51 1.26 34.93
CA SER B 110 -10.41 1.99 34.06
C SER B 110 -10.78 3.40 34.50
N VAL B 111 -10.98 4.26 33.51
CA VAL B 111 -11.37 5.64 33.76
C VAL B 111 -12.71 5.67 34.50
N GLU B 112 -13.63 4.81 34.12
CA GLU B 112 -14.96 4.75 34.73
C GLU B 112 -14.83 4.54 36.25
N THR B 113 -13.97 3.60 36.64
CA THR B 113 -13.77 3.32 38.04
C THR B 113 -13.09 4.51 38.73
N LEU B 114 -12.06 5.07 38.11
CA LEU B 114 -11.36 6.21 38.70
C LEU B 114 -12.29 7.40 38.89
N GLN B 115 -13.29 7.50 38.01
CA GLN B 115 -14.25 8.59 38.11
C GLN B 115 -15.15 8.38 39.34
N ARG B 116 -15.57 7.15 39.62
CA ARG B 116 -16.39 6.91 40.79
C ARG B 116 -15.57 7.08 42.08
N LEU B 117 -14.29 6.77 42.01
CA LEU B 117 -13.40 6.93 43.16
C LEU B 117 -13.27 8.41 43.43
N ARG B 118 -13.34 9.21 42.39
CA ARG B 118 -13.24 10.66 42.51
C ARG B 118 -14.56 11.22 43.02
N ASP B 119 -15.67 10.59 42.66
CA ASP B 119 -16.98 11.04 43.12
C ASP B 119 -17.22 10.68 44.58
N ALA B 120 -16.64 9.58 45.04
CA ALA B 120 -16.84 9.16 46.42
C ALA B 120 -15.88 9.78 47.43
N LYS B 121 -14.95 10.62 47.01
CA LYS B 121 -14.05 11.24 47.98
C LYS B 121 -14.75 12.41 48.71
N PRO B 122 -14.80 12.38 50.05
CA PRO B 122 -15.44 13.41 50.88
C PRO B 122 -14.52 14.60 51.19
N GLN B 123 -15.09 15.69 51.72
CA GLN B 123 -14.29 16.88 52.04
C GLN B 123 -13.16 16.54 53.01
N GLY B 124 -11.96 17.05 52.71
CA GLY B 124 -10.81 16.80 53.54
C GLY B 124 -10.58 15.32 53.79
N GLY B 125 -11.38 14.48 53.14
CA GLY B 125 -11.27 13.04 53.30
C GLY B 125 -10.42 12.31 52.28
N ILE B 126 -10.68 11.03 52.09
CA ILE B 126 -9.91 10.22 51.15
C ILE B 126 -10.81 9.21 50.43
N GLY B 127 -10.58 9.09 49.13
CA GLY B 127 -11.31 8.12 48.33
C GLY B 127 -10.34 6.94 48.25
N LEU B 128 -10.79 5.77 48.69
CA LEU B 128 -9.92 4.60 48.70
C LEU B 128 -10.56 3.50 47.87
N LEU B 129 -9.75 2.91 47.00
CA LEU B 129 -10.18 1.83 46.10
C LEU B 129 -9.82 0.51 46.75
N THR B 130 -10.80 -0.36 46.92
CA THR B 130 -10.54 -1.63 47.56
C THR B 130 -11.31 -2.77 46.92
N VAL B 131 -10.83 -3.98 47.12
CA VAL B 131 -11.50 -5.15 46.56
C VAL B 131 -11.55 -6.29 47.56
N LYS B 132 -12.59 -7.09 47.41
CA LYS B 132 -12.85 -8.25 48.26
C LYS B 132 -12.26 -9.49 47.60
N LEU B 133 -11.21 -10.06 48.17
CA LEU B 133 -10.63 -11.26 47.58
C LEU B 133 -10.88 -12.48 48.43
N ASP B 134 -11.19 -13.60 47.77
CA ASP B 134 -11.44 -14.85 48.48
C ASP B 134 -10.16 -15.44 49.08
N ASP B 135 -9.07 -14.69 49.02
CA ASP B 135 -7.79 -15.14 49.56
C ASP B 135 -6.90 -13.92 49.69
N PRO B 136 -7.07 -13.16 50.77
CA PRO B 136 -6.32 -11.94 51.07
C PRO B 136 -4.81 -12.13 51.30
N THR B 137 -4.38 -13.37 51.43
CA THR B 137 -2.95 -13.66 51.68
C THR B 137 -1.97 -12.83 50.85
N GLY B 138 -1.18 -12.01 51.52
CA GLY B 138 -0.19 -11.17 50.84
C GLY B 138 -0.52 -9.69 50.81
N TYR B 139 -1.80 -9.37 50.85
CA TYR B 139 -2.27 -7.99 50.77
C TYR B 139 -2.52 -7.24 52.08
N GLY B 140 -2.44 -5.91 52.03
CA GLY B 140 -2.69 -5.12 53.21
C GLY B 140 -4.18 -5.23 53.47
N ARG B 141 -4.55 -5.39 54.74
CA ARG B 141 -5.96 -5.52 55.10
C ARG B 141 -6.58 -4.19 55.51
N ILE B 142 -7.84 -4.02 55.11
CA ILE B 142 -8.58 -2.81 55.44
C ILE B 142 -9.08 -2.89 56.90
N THR B 143 -8.39 -2.17 57.77
CA THR B 143 -8.72 -2.10 59.19
C THR B 143 -10.01 -1.27 59.38
N ARG B 144 -11.06 -1.89 59.90
CA ARG B 144 -12.32 -1.17 60.14
C ARG B 144 -12.76 -1.18 61.62
N GLU B 145 -13.54 -0.17 61.99
CA GLU B 145 -14.06 -0.03 63.35
C GLU B 145 -15.45 0.59 63.30
N ASN B 146 -16.46 -0.26 63.50
CA ASN B 146 -17.87 0.13 63.48
C ASN B 146 -18.33 0.42 62.06
N GLY B 147 -17.70 -0.26 61.10
CA GLY B 147 -18.04 -0.07 59.70
C GLY B 147 -17.27 1.04 59.00
N LYS B 148 -16.38 1.70 59.74
CA LYS B 148 -15.58 2.80 59.23
C LYS B 148 -14.16 2.34 58.90
N VAL B 149 -13.49 3.01 57.96
CA VAL B 149 -12.13 2.63 57.61
C VAL B 149 -11.15 3.30 58.57
N THR B 150 -10.23 2.51 59.12
CA THR B 150 -9.27 2.98 60.12
C THR B 150 -7.81 2.95 59.72
N GLY B 151 -7.46 1.99 58.90
CA GLY B 151 -6.07 1.89 58.50
C GLY B 151 -5.87 0.66 57.66
N ILE B 152 -4.60 0.39 57.38
CA ILE B 152 -4.21 -0.73 56.56
C ILE B 152 -3.13 -1.52 57.27
N VAL B 153 -3.35 -2.82 57.41
CA VAL B 153 -2.38 -3.68 58.06
C VAL B 153 -1.77 -4.59 57.00
N GLU B 154 -0.48 -4.39 56.71
CA GLU B 154 0.19 -5.23 55.72
C GLU B 154 0.13 -6.67 56.25
N HIS B 155 0.08 -7.62 55.34
CA HIS B 155 0.02 -9.03 55.72
C HIS B 155 1.04 -9.44 56.79
N LYS B 156 2.32 -9.08 56.58
CA LYS B 156 3.39 -9.42 57.53
C LYS B 156 3.27 -8.66 58.86
N ASP B 157 2.30 -7.75 58.95
CA ASP B 157 2.07 -7.01 60.19
C ASP B 157 0.68 -7.37 60.71
N ALA B 158 0.03 -8.29 60.01
CA ALA B 158 -1.30 -8.75 60.36
C ALA B 158 -1.19 -9.99 61.23
N THR B 159 -2.12 -10.11 62.18
CA THR B 159 -2.17 -11.24 63.09
C THR B 159 -3.25 -12.19 62.59
N ASP B 160 -3.04 -13.48 62.78
CA ASP B 160 -4.00 -14.49 62.36
C ASP B 160 -5.43 -14.02 62.38
N GLU B 161 -5.81 -13.35 63.45
CA GLU B 161 -7.18 -12.86 63.56
C GLU B 161 -7.44 -11.89 62.41
N GLN B 162 -6.72 -10.78 62.40
CA GLN B 162 -6.91 -9.80 61.35
C GLN B 162 -6.53 -10.36 59.98
N ARG B 163 -5.54 -11.24 59.97
CA ARG B 163 -5.07 -11.84 58.74
C ARG B 163 -6.11 -12.56 57.89
N GLN B 164 -7.39 -12.44 58.23
CA GLN B 164 -8.38 -13.08 57.36
C GLN B 164 -9.55 -12.16 57.01
N ILE B 165 -9.28 -10.86 57.10
CA ILE B 165 -10.24 -9.84 56.71
C ILE B 165 -10.12 -9.99 55.18
N GLN B 166 -11.23 -9.97 54.46
CA GLN B 166 -11.15 -10.14 53.02
C GLN B 166 -11.04 -8.86 52.18
N GLU B 167 -11.36 -7.70 52.75
CA GLU B 167 -11.23 -6.45 52.00
C GLU B 167 -9.78 -6.02 51.92
N ILE B 168 -9.32 -5.87 50.70
CA ILE B 168 -7.95 -5.53 50.40
C ILE B 168 -7.69 -4.13 49.81
N ASN B 169 -6.52 -3.60 50.11
CA ASN B 169 -6.09 -2.31 49.62
C ASN B 169 -5.51 -2.42 48.20
N THR B 170 -6.13 -1.73 47.24
CA THR B 170 -5.59 -1.77 45.87
C THR B 170 -4.41 -0.82 45.82
N GLY B 171 -4.31 0.09 46.80
CA GLY B 171 -3.21 1.04 46.84
C GLY B 171 -3.52 2.32 46.07
N ILE B 172 -4.68 2.35 45.41
CA ILE B 172 -5.07 3.51 44.64
C ILE B 172 -5.96 4.42 45.49
N LEU B 173 -5.62 5.69 45.57
CA LEU B 173 -6.42 6.59 46.37
C LEU B 173 -6.32 8.02 45.90
N ILE B 174 -7.23 8.85 46.41
CA ILE B 174 -7.26 10.24 46.04
C ILE B 174 -7.63 11.13 47.22
N ALA B 175 -6.93 12.25 47.34
CA ALA B 175 -7.24 13.21 48.41
C ALA B 175 -6.70 14.59 48.05
N ASN B 176 -7.12 15.60 48.81
CA ASN B 176 -6.69 16.96 48.53
C ASN B 176 -5.18 17.10 48.69
N GLY B 177 -4.57 17.90 47.81
CA GLY B 177 -3.14 18.13 47.84
C GLY B 177 -2.58 18.62 49.17
N ALA B 178 -3.18 19.68 49.70
CA ALA B 178 -2.75 20.25 50.98
C ALA B 178 -2.80 19.15 52.03
N ASP B 179 -3.94 18.48 52.13
CA ASP B 179 -4.08 17.38 53.09
C ASP B 179 -2.96 16.36 52.89
N MET B 180 -2.78 15.93 51.65
CA MET B 180 -1.77 14.94 51.31
C MET B 180 -0.40 15.40 51.76
N LYS B 181 -0.10 16.67 51.51
CA LYS B 181 1.19 17.20 51.89
C LYS B 181 1.38 17.12 53.39
N ARG B 182 0.29 17.29 54.14
CA ARG B 182 0.32 17.24 55.61
C ARG B 182 0.59 15.82 56.14
N TRP B 183 -0.24 14.86 55.75
CA TRP B 183 -0.04 13.49 56.19
C TRP B 183 1.38 13.01 55.81
N LEU B 184 1.76 13.22 54.55
CA LEU B 184 3.07 12.80 54.04
C LEU B 184 4.24 13.28 54.88
N ALA B 185 4.08 14.43 55.50
CA ALA B 185 5.15 14.96 56.34
C ALA B 185 5.21 14.22 57.69
N LYS B 186 4.06 13.66 58.11
CA LYS B 186 3.98 12.93 59.38
C LYS B 186 4.18 11.40 59.30
N LEU B 187 4.89 10.91 58.29
CA LEU B 187 5.11 9.47 58.17
C LEU B 187 6.36 9.05 58.93
N THR B 188 6.41 7.81 59.42
CA THR B 188 7.57 7.32 60.17
C THR B 188 8.09 5.93 59.69
N ASN B 189 9.30 5.53 60.10
CA ASN B 189 9.89 4.24 59.71
C ASN B 189 9.82 3.21 60.83
N ASN B 190 9.10 3.51 61.89
CA ASN B 190 9.07 2.58 63.01
C ASN B 190 8.36 1.26 62.77
N ASN B 191 8.90 0.43 61.89
CA ASN B 191 8.26 -0.84 61.60
C ASN B 191 9.19 -1.94 61.13
N ALA B 192 8.58 -3.08 60.79
CA ALA B 192 9.30 -4.25 60.29
C ALA B 192 10.58 -3.93 59.53
N GLN B 193 10.52 -3.12 58.47
CA GLN B 193 11.76 -2.80 57.80
C GLN B 193 12.02 -1.35 57.43
N GLY B 194 11.66 -0.48 58.36
CA GLY B 194 11.89 0.95 58.24
C GLY B 194 11.57 1.76 57.01
N GLU B 195 10.52 1.41 56.28
CA GLU B 195 10.17 2.21 55.13
C GLU B 195 8.98 3.04 55.57
N TYR B 196 8.72 4.12 54.86
CA TYR B 196 7.57 4.96 55.20
C TYR B 196 6.35 4.36 54.50
N TYR B 197 5.35 3.98 55.27
CA TYR B 197 4.14 3.38 54.72
C TYR B 197 3.14 4.40 54.21
N ILE B 198 2.87 4.40 52.91
CA ILE B 198 1.90 5.34 52.37
C ILE B 198 0.53 4.97 52.94
N THR B 199 0.36 3.69 53.27
CA THR B 199 -0.90 3.22 53.82
C THR B 199 -1.22 3.86 55.18
N ASP B 200 -0.23 4.49 55.80
CA ASP B 200 -0.44 5.14 57.08
C ASP B 200 -1.39 6.32 56.97
N ILE B 201 -1.26 7.11 55.90
CA ILE B 201 -2.09 8.28 55.75
C ILE B 201 -3.56 7.97 55.99
N ILE B 202 -3.96 6.71 55.94
CA ILE B 202 -5.35 6.37 56.18
C ILE B 202 -5.75 6.62 57.65
N ALA B 203 -4.91 6.17 58.57
CA ALA B 203 -5.17 6.35 60.00
C ALA B 203 -4.98 7.84 60.33
N LEU B 204 -3.84 8.40 59.91
CA LEU B 204 -3.56 9.81 60.15
C LEU B 204 -4.76 10.67 59.81
N ALA B 205 -5.48 10.32 58.75
CA ALA B 205 -6.65 11.07 58.31
C ALA B 205 -7.89 10.70 59.12
N TYR B 206 -7.91 9.50 59.68
CA TYR B 206 -9.03 9.09 60.51
C TYR B 206 -8.92 9.86 61.83
N GLN B 207 -7.71 9.85 62.39
CA GLN B 207 -7.41 10.55 63.63
C GLN B 207 -7.78 12.02 63.53
N GLU B 208 -7.53 12.63 62.37
CA GLU B 208 -7.85 14.05 62.18
C GLU B 208 -9.36 14.17 62.09
N GLY B 209 -10.05 13.04 62.28
CA GLY B 209 -11.50 13.05 62.23
C GLY B 209 -12.06 13.25 60.83
N ARG B 210 -11.26 12.97 59.82
CA ARG B 210 -11.70 13.10 58.42
C ARG B 210 -12.17 11.74 57.93
N GLU B 211 -13.16 11.73 57.05
CA GLU B 211 -13.72 10.47 56.54
C GLU B 211 -13.03 9.93 55.29
N ILE B 212 -12.88 8.61 55.26
CA ILE B 212 -12.27 7.92 54.14
C ILE B 212 -13.25 6.89 53.60
N VAL B 213 -13.75 7.15 52.39
CA VAL B 213 -14.72 6.28 51.72
C VAL B 213 -14.05 5.26 50.78
N ALA B 214 -14.52 4.02 50.82
CA ALA B 214 -13.95 2.96 50.00
C ALA B 214 -14.83 2.63 48.80
N VAL B 215 -14.18 2.43 47.66
CA VAL B 215 -14.90 2.13 46.43
C VAL B 215 -14.32 0.85 45.83
N HIS B 216 -15.11 0.19 45.00
CA HIS B 216 -14.66 -1.03 44.36
C HIS B 216 -14.66 -0.87 42.83
N PRO B 217 -13.76 -1.61 42.13
CA PRO B 217 -13.69 -1.53 40.65
C PRO B 217 -14.68 -2.51 40.04
N GLN B 218 -15.06 -2.29 38.79
CA GLN B 218 -15.99 -3.20 38.13
C GLN B 218 -15.34 -4.56 38.00
N ARG B 219 -14.05 -4.59 37.69
CA ARG B 219 -13.36 -5.85 37.51
C ARG B 219 -12.07 -5.98 38.31
N LEU B 220 -11.83 -7.18 38.81
CA LEU B 220 -10.66 -7.44 39.62
C LEU B 220 -9.41 -7.18 38.80
N SER B 221 -9.50 -7.47 37.50
CA SER B 221 -8.36 -7.28 36.61
C SER B 221 -7.87 -5.83 36.59
N GLU B 222 -8.79 -4.87 36.80
CA GLU B 222 -8.46 -3.44 36.82
C GLU B 222 -7.44 -3.03 37.85
N VAL B 223 -7.20 -3.89 38.83
CA VAL B 223 -6.28 -3.49 39.88
C VAL B 223 -5.17 -4.48 40.08
N GLU B 224 -5.10 -5.44 39.18
CA GLU B 224 -4.02 -6.43 39.29
C GLU B 224 -2.74 -5.73 38.91
N GLY B 225 -1.68 -5.99 39.65
CA GLY B 225 -0.40 -5.39 39.35
C GLY B 225 0.50 -6.43 38.71
N VAL B 226 1.54 -5.96 38.04
CA VAL B 226 2.49 -6.83 37.36
C VAL B 226 3.90 -6.78 37.96
N ASN B 227 4.42 -7.93 38.35
CA ASN B 227 5.77 -8.07 38.89
C ASN B 227 6.60 -9.04 38.04
N ASN B 228 5.93 -9.92 37.30
CA ASN B 228 6.67 -10.84 36.41
C ASN B 228 5.90 -10.99 35.08
N ARG B 229 6.46 -11.70 34.11
CA ARG B 229 5.80 -11.78 32.81
C ARG B 229 4.53 -12.66 32.73
N LEU B 230 4.38 -13.61 33.65
CA LEU B 230 3.16 -14.45 33.66
C LEU B 230 1.99 -13.52 34.00
N GLN B 231 2.19 -12.68 35.01
CA GLN B 231 1.13 -11.77 35.40
C GLN B 231 0.78 -10.87 34.21
N LEU B 232 1.78 -10.35 33.50
CA LEU B 232 1.50 -9.50 32.35
C LEU B 232 0.73 -10.25 31.29
N SER B 233 1.16 -11.48 31.00
CA SER B 233 0.47 -12.24 29.95
C SER B 233 -0.97 -12.45 30.30
N ARG B 234 -1.30 -12.61 31.58
CA ARG B 234 -2.71 -12.78 31.94
C ARG B 234 -3.45 -11.46 31.69
N LEU B 235 -2.80 -10.32 31.95
CA LEU B 235 -3.48 -9.07 31.68
C LEU B 235 -3.62 -8.86 30.16
N GLU B 236 -2.64 -9.33 29.39
CA GLU B 236 -2.69 -9.19 27.91
C GLU B 236 -3.96 -9.90 27.43
N ARG B 237 -4.18 -11.11 27.95
CA ARG B 237 -5.36 -11.91 27.58
C ARG B 237 -6.68 -11.22 27.95
N VAL B 238 -6.76 -10.66 29.17
CA VAL B 238 -7.98 -9.96 29.59
C VAL B 238 -8.24 -8.84 28.62
N TYR B 239 -7.21 -8.04 28.39
CA TYR B 239 -7.31 -6.92 27.46
C TYR B 239 -7.74 -7.36 26.05
N GLN B 240 -7.00 -8.29 25.43
CA GLN B 240 -7.37 -8.66 24.06
C GLN B 240 -8.78 -9.18 24.01
N SER B 241 -9.13 -10.01 24.98
CA SER B 241 -10.46 -10.55 24.97
C SER B 241 -11.53 -9.44 25.04
N GLU B 242 -11.28 -8.43 25.87
CA GLU B 242 -12.24 -7.33 25.97
C GLU B 242 -12.38 -6.68 24.60
N GLN B 243 -11.25 -6.34 23.96
CA GLN B 243 -11.28 -5.69 22.65
C GLN B 243 -12.01 -6.54 21.64
N ALA B 244 -11.79 -7.85 21.68
CA ALA B 244 -12.46 -8.77 20.76
C ALA B 244 -13.99 -8.66 20.92
N GLU B 245 -14.47 -8.74 22.16
CA GLU B 245 -15.90 -8.65 22.43
C GLU B 245 -16.49 -7.32 21.97
N LYS B 246 -15.78 -6.22 22.23
CA LYS B 246 -16.30 -4.95 21.79
C LYS B 246 -16.47 -4.92 20.28
N LEU B 247 -15.43 -5.39 19.57
CA LEU B 247 -15.44 -5.41 18.10
C LEU B 247 -16.56 -6.27 17.54
N LEU B 248 -16.79 -7.43 18.15
CA LEU B 248 -17.85 -8.32 17.70
C LEU B 248 -19.20 -7.63 17.98
N LEU B 249 -19.33 -6.96 19.13
CA LEU B 249 -20.58 -6.29 19.40
C LEU B 249 -20.71 -5.11 18.45
N ALA B 250 -19.58 -4.56 18.01
CA ALA B 250 -19.64 -3.41 17.08
C ALA B 250 -20.00 -3.83 15.66
N GLY B 251 -20.10 -5.13 15.42
CA GLY B 251 -20.43 -5.57 14.08
C GLY B 251 -19.29 -6.17 13.26
N VAL B 252 -18.13 -6.43 13.88
CA VAL B 252 -17.00 -7.03 13.17
C VAL B 252 -17.03 -8.55 13.38
N MET B 253 -16.97 -9.33 12.32
CA MET B 253 -17.01 -10.78 12.44
C MET B 253 -15.62 -11.31 12.77
N LEU B 254 -15.37 -11.68 14.03
CA LEU B 254 -14.08 -12.27 14.38
C LEU B 254 -14.34 -13.79 14.47
N ARG B 255 -13.77 -14.55 13.53
CA ARG B 255 -14.02 -15.99 13.52
C ARG B 255 -13.52 -16.76 14.74
N ASP B 256 -12.79 -16.06 15.61
CA ASP B 256 -12.36 -16.64 16.87
C ASP B 256 -11.73 -15.55 17.68
N PRO B 257 -12.56 -14.87 18.46
CA PRO B 257 -12.06 -13.77 19.28
C PRO B 257 -10.97 -14.16 20.25
N ALA B 258 -10.76 -15.45 20.49
CA ALA B 258 -9.66 -15.84 21.40
C ALA B 258 -8.33 -15.96 20.60
N ARG B 259 -8.41 -15.89 19.28
CA ARG B 259 -7.19 -15.91 18.43
C ARG B 259 -7.21 -14.63 17.56
N PHE B 260 -7.16 -13.49 18.26
CA PHE B 260 -7.20 -12.16 17.63
C PHE B 260 -6.41 -11.27 18.54
N ASP B 261 -5.63 -10.38 17.95
CA ASP B 261 -4.81 -9.46 18.74
C ASP B 261 -4.80 -8.12 18.10
N LEU B 262 -5.15 -7.10 18.87
CA LEU B 262 -5.13 -5.72 18.38
C LEU B 262 -4.12 -5.02 19.28
N ARG B 263 -3.08 -4.48 18.65
CA ARG B 263 -2.01 -3.77 19.33
C ARG B 263 -1.91 -2.42 18.66
N GLY B 264 -2.93 -1.62 18.85
CA GLY B 264 -2.96 -0.29 18.29
C GLY B 264 -4.39 0.19 18.21
N THR B 265 -4.78 0.72 17.07
CA THR B 265 -6.13 1.26 16.93
C THR B 265 -6.72 0.84 15.61
N LEU B 266 -7.88 0.22 15.69
CA LEU B 266 -8.56 -0.29 14.53
C LEU B 266 -9.76 0.56 14.12
N THR B 267 -9.82 1.00 12.87
CA THR B 267 -11.02 1.71 12.44
C THR B 267 -11.63 0.78 11.41
N HIS B 268 -12.95 0.61 11.46
CA HIS B 268 -13.53 -0.31 10.53
C HIS B 268 -14.86 0.09 9.99
N GLY B 269 -15.23 -0.50 8.87
CA GLY B 269 -16.52 -0.24 8.27
C GLY B 269 -17.48 -1.35 8.62
N ARG B 270 -18.43 -1.60 7.74
CA ARG B 270 -19.47 -2.57 8.00
C ARG B 270 -19.23 -3.91 7.34
N ASP B 271 -19.65 -4.98 8.00
CA ASP B 271 -19.47 -6.32 7.50
C ASP B 271 -18.02 -6.74 7.24
N VAL B 272 -17.12 -6.36 8.12
CA VAL B 272 -15.73 -6.75 7.95
C VAL B 272 -15.55 -8.18 8.53
N GLU B 273 -14.74 -9.03 7.88
CA GLU B 273 -14.49 -10.36 8.41
C GLU B 273 -13.01 -10.60 8.68
N ILE B 274 -12.70 -10.96 9.91
CA ILE B 274 -11.33 -11.27 10.30
C ILE B 274 -11.27 -12.76 10.69
N ASP B 275 -10.50 -13.56 9.96
CA ASP B 275 -10.41 -14.97 10.32
C ASP B 275 -9.45 -15.17 11.50
N THR B 276 -9.20 -16.41 11.87
CA THR B 276 -8.34 -16.71 13.03
C THR B 276 -6.90 -16.22 12.95
N ASN B 277 -6.33 -15.98 14.14
CA ASN B 277 -4.93 -15.64 14.26
C ASN B 277 -4.45 -14.44 13.50
N VAL B 278 -5.28 -13.41 13.40
CA VAL B 278 -4.86 -12.18 12.75
C VAL B 278 -4.34 -11.22 13.81
N ILE B 279 -3.38 -10.40 13.44
CA ILE B 279 -2.81 -9.44 14.36
C ILE B 279 -2.84 -8.08 13.68
N ILE B 280 -3.41 -7.09 14.37
CA ILE B 280 -3.53 -5.72 13.87
C ILE B 280 -2.55 -4.89 14.70
N GLU B 281 -1.64 -4.16 14.07
CA GLU B 281 -0.68 -3.37 14.83
C GLU B 281 -0.68 -1.91 14.38
N GLY B 282 -0.45 -1.02 15.35
CA GLY B 282 -0.43 0.40 15.02
C GLY B 282 -1.79 0.88 14.57
N ASN B 283 -1.85 1.88 13.69
CA ASN B 283 -3.14 2.39 13.23
C ASN B 283 -3.56 1.68 11.95
N VAL B 284 -4.69 0.98 11.99
CA VAL B 284 -5.18 0.27 10.83
C VAL B 284 -6.63 0.66 10.58
N THR B 285 -6.99 0.71 9.30
CA THR B 285 -8.34 1.02 8.85
C THR B 285 -8.75 -0.05 7.85
N LEU B 286 -9.86 -0.71 8.14
CA LEU B 286 -10.36 -1.72 7.25
C LEU B 286 -11.67 -1.13 6.73
N GLY B 287 -11.80 -1.01 5.41
CA GLY B 287 -13.00 -0.45 4.83
C GLY B 287 -14.13 -1.44 4.91
N HIS B 288 -15.29 -1.10 4.36
CA HIS B 288 -16.44 -2.00 4.39
C HIS B 288 -16.18 -3.28 3.66
N ARG B 289 -16.78 -4.36 4.15
CA ARG B 289 -16.70 -5.68 3.53
C ARG B 289 -15.31 -6.22 3.32
N VAL B 290 -14.31 -5.62 3.96
CA VAL B 290 -12.97 -6.14 3.83
C VAL B 290 -12.96 -7.55 4.47
N LYS B 291 -12.26 -8.49 3.85
CA LYS B 291 -12.14 -9.86 4.37
C LYS B 291 -10.67 -10.17 4.67
N ILE B 292 -10.34 -10.47 5.92
CA ILE B 292 -8.96 -10.76 6.25
C ILE B 292 -8.77 -12.24 6.51
N GLY B 293 -8.01 -12.89 5.64
CA GLY B 293 -7.71 -14.32 5.78
C GLY B 293 -6.91 -14.68 7.04
N THR B 294 -6.99 -15.95 7.41
CA THR B 294 -6.31 -16.43 8.60
C THR B 294 -4.84 -16.10 8.68
N GLY B 295 -4.41 -15.66 9.86
CA GLY B 295 -3.00 -15.41 10.08
C GLY B 295 -2.32 -14.15 9.56
N CYS B 296 -3.08 -13.27 8.91
CA CYS B 296 -2.49 -12.01 8.43
C CYS B 296 -2.04 -11.09 9.56
N VAL B 297 -1.04 -10.29 9.22
CA VAL B 297 -0.53 -9.29 10.11
C VAL B 297 -0.71 -7.97 9.34
N ILE B 298 -1.59 -7.12 9.83
CA ILE B 298 -1.85 -5.84 9.23
C ILE B 298 -1.25 -4.78 10.14
N LYS B 299 -0.30 -4.02 9.61
CA LYS B 299 0.37 -3.00 10.39
C LYS B 299 0.42 -1.63 9.70
N ASN B 300 0.01 -0.60 10.43
CA ASN B 300 0.00 0.79 9.95
C ASN B 300 -0.36 0.85 8.46
N SER B 301 -1.54 0.33 8.12
CA SER B 301 -2.02 0.32 6.75
C SER B 301 -3.49 0.67 6.68
N VAL B 302 -3.91 1.06 5.47
CA VAL B 302 -5.30 1.41 5.15
C VAL B 302 -5.72 0.43 4.06
N ILE B 303 -6.80 -0.29 4.32
CA ILE B 303 -7.28 -1.31 3.40
C ILE B 303 -8.67 -0.95 2.86
N GLY B 304 -8.74 -0.60 1.58
CA GLY B 304 -10.00 -0.18 0.96
C GLY B 304 -11.22 -1.10 0.95
N ASP B 305 -12.39 -0.49 0.76
CA ASP B 305 -13.64 -1.23 0.69
C ASP B 305 -13.54 -2.46 -0.23
N ASP B 306 -14.18 -3.55 0.19
CA ASP B 306 -14.25 -4.78 -0.57
C ASP B 306 -12.95 -5.53 -0.81
N CYS B 307 -11.84 -5.01 -0.32
CA CYS B 307 -10.58 -5.73 -0.48
C CYS B 307 -10.65 -7.07 0.24
N GLU B 308 -9.90 -8.02 -0.30
CA GLU B 308 -9.81 -9.37 0.24
C GLU B 308 -8.33 -9.70 0.38
N ILE B 309 -7.88 -9.97 1.61
CA ILE B 309 -6.48 -10.30 1.85
C ILE B 309 -6.39 -11.81 2.10
N SER B 310 -5.53 -12.49 1.35
CA SER B 310 -5.40 -13.93 1.48
C SER B 310 -4.57 -14.29 2.70
N PRO B 311 -4.75 -15.52 3.21
CA PRO B 311 -4.04 -16.02 4.38
C PRO B 311 -2.58 -15.77 4.46
N TYR B 312 -2.15 -15.53 5.70
CA TYR B 312 -0.76 -15.34 6.04
C TYR B 312 -0.05 -14.20 5.31
N THR B 313 -0.79 -13.13 5.02
CA THR B 313 -0.22 -11.99 4.35
C THR B 313 0.18 -10.95 5.39
N VAL B 314 1.32 -10.34 5.15
CA VAL B 314 1.81 -9.29 6.00
C VAL B 314 1.54 -8.00 5.21
N VAL B 315 0.66 -7.11 5.69
CA VAL B 315 0.41 -5.83 5.00
C VAL B 315 0.95 -4.76 5.93
N GLU B 316 1.99 -4.05 5.50
CA GLU B 316 2.60 -3.01 6.34
C GLU B 316 2.84 -1.67 5.60
N ASP B 317 2.63 -0.55 6.31
CA ASP B 317 2.85 0.81 5.75
C ASP B 317 2.26 0.95 4.36
N ALA B 318 1.09 0.35 4.16
CA ALA B 318 0.47 0.36 2.86
C ALA B 318 -0.93 0.94 2.80
N ASN B 319 -1.25 1.57 1.68
CA ASN B 319 -2.62 2.05 1.47
C ASN B 319 -3.07 1.21 0.28
N LEU B 320 -4.03 0.31 0.50
CA LEU B 320 -4.51 -0.57 -0.56
C LEU B 320 -5.78 -0.11 -1.23
N ALA B 321 -5.74 -0.03 -2.57
CA ALA B 321 -6.89 0.40 -3.36
C ALA B 321 -8.11 -0.51 -3.18
N ALA B 322 -9.30 0.10 -3.13
CA ALA B 322 -10.57 -0.61 -2.98
C ALA B 322 -10.74 -1.74 -4.00
N ALA B 323 -11.46 -2.78 -3.58
CA ALA B 323 -11.74 -3.96 -4.39
C ALA B 323 -10.46 -4.76 -4.66
N CYS B 324 -9.46 -4.61 -3.79
CA CYS B 324 -8.23 -5.35 -4.06
C CYS B 324 -8.30 -6.81 -3.70
N THR B 325 -7.42 -7.57 -4.36
CA THR B 325 -7.28 -9.00 -4.23
C THR B 325 -5.81 -9.34 -3.96
N ILE B 326 -5.43 -9.34 -2.69
CA ILE B 326 -4.05 -9.61 -2.29
C ILE B 326 -3.85 -11.04 -1.81
S SO4 C . 5.55 -15.26 -42.18
O1 SO4 C . 5.09 -16.38 -41.31
O2 SO4 C . 4.68 -15.19 -43.38
O3 SO4 C . 5.48 -13.98 -41.44
O4 SO4 C . 6.95 -15.46 -42.60
O1 MES D . 2.71 -9.16 -41.19
C2 MES D . 1.48 -9.88 -40.81
C3 MES D . 0.39 -9.42 -41.59
N4 MES D . 0.23 -7.98 -41.47
C5 MES D . 1.39 -7.35 -41.99
C6 MES D . 2.56 -7.70 -41.28
C7 MES D . -0.87 -7.53 -42.22
C8 MES D . -2.14 -7.97 -41.84
S MES D . -3.33 -8.02 -42.66
O1S MES D . -4.47 -9.21 -42.03
O2S MES D . -4.25 -6.49 -42.69
O3S MES D . -3.01 -8.49 -44.39
S SO4 E . 3.55 -11.53 43.49
O1 SO4 E . 4.60 -11.59 44.53
O2 SO4 E . 3.27 -12.90 43.00
O3 SO4 E . 2.32 -10.93 44.04
O4 SO4 E . 4.04 -10.67 42.38
#